data_1EYS
#
_entry.id   1EYS
#
_cell.length_a   133.299
_cell.length_b   196.596
_cell.length_c   84.163
_cell.angle_alpha   90.00
_cell.angle_beta   90.00
_cell.angle_gamma   90.00
#
_symmetry.space_group_name_H-M   'P 21 21 21'
#
loop_
_entity.id
_entity.type
_entity.pdbx_description
1 polymer 'PHOTOSYNTHETIC REACTION CENTER'
2 polymer 'PHOTOSYNTHETIC REACTION CENTER'
3 polymer 'PHOTOSYNTHETIC REACTION CENTER'
4 polymer 'PHOTOSYNTHETIC REACTION CENTER'
5 non-polymer 'PROTOPORPHYRIN IX CONTAINING FE'
6 non-polymer 2-O-octyl-beta-D-glucopyranose
7 non-polymer 'BACTERIOCHLOROPHYLL A'
8 non-polymer 'BACTERIOPHEOPHYTIN A'
9 non-polymer 'LAURYL DIMETHYLAMINE-N-OXIDE'
10 non-polymer 'FE (III) ION'
11 non-polymer 'MENAQUINONE 8'
12 non-polymer SPIRILLOXANTHIN
13 non-polymer DI-PALMITOYL-3-SN-PHOSPHATIDYLETHANOLAMINE
14 water water
#
loop_
_entity_poly.entity_id
_entity_poly.type
_entity_poly.pdbx_seq_one_letter_code
_entity_poly.pdbx_strand_id
1 'polypeptide(L)'
;CEGPPPGTEQIGYRGVGMENYYVKRQRALSIQANQPVESLPAADSTGPKASEVYQSVQVLKDLSVGEFTRTMVAVTTWVS
PKEGCNYCHVPGNWASDDIYTKVVSRRMFELVRAANSDWKAHVAETGVTCYTCHRGNPVPKYAWVTDPGPKYPSGLKPTG
QNYGSKTVAYASLPFDPLTPFLDQANEIRITGNAALAGSNPASLKQAEWTFGLMMNISDSLGVGCTSCHNTRAFNDWTQS
TPKRTTAWYAIRHVRDINQNYIWPLNDVLPASRKGPYGDPLRVSCMTCHQAVNKPLYGAQMAKDYPGLYKTAVTQEALPG
SAPASEAAPAAATEAAPEAPAQEVPAAEAVPAAAEPGAAEAAGSVEPAPVEEVAPAPAAQRL
;
C
2 'polypeptide(L)'
;AMLSFEKKYRVRGGTLIGGDLFDFWVGPFYVGFFGVVGFCFTLLGVLLIVWGATIGPTGPTSDLQTYNLWRISIAPPDLS
YGLRMAPLTEGGLWQIITICAAGAFISWALREVEICRKLGIGFHVPFAFSFAIGAYLVLVFVRPLLMGAWGHGFPYGILS
HLDWVSNVGYQFLHFHYNPAHMLAISFFFTNCLALSMHGSLILSVTNPQRGEPVKTSEHENTFFRDIVGYSIGALAIHRL
GLFLALSAAFWSAVCILISGPFWTRGWPEWWNWWLELPLW
;
L
3 'polypeptide(L)'
;PEYQNIFTAVQVRAPAYPGVPLPKGNLPRIGRPIFSYWLGKIGDAQIGPIYLGLTGTLSIFFGLVAISIIGFNMLASVHW
DVFQFLKHFFWLGLEPPPPQYGLRIPPLSEGGWWLIAGLFLTLSILLWWVRTYKRAEALGMSQHLSWAFAAAIFFYLVLG
FIRPVMMGSWAKAVPFGIFPHLDWTAAFSIRYGNLYYNPFHMLSIAFLYGSALLFAMHGATILSVSRFGGDREIDQITHR
GTAAEGAALFWRWTMGFNATMESIHRWAWWCAVLTVITAGIGILLSGTVVDNWYLWAVKHGMAPAYPEVVTAVNPYETAA
EVMQ
;
M
4 'polypeptide(L)'
;MPAGITHYIDAAQITIWAFWLFFFGLIIYLRREDKREGYPLDSNRTERSGGRYKVVGFPDLPDPKTFVLPHNGGTVVAPR
VEAPVAVNATPFSPAPGSPLVPNGDPMLSGFGPAASPDRPKHCDLTFEGLPKIVPMRVAKEFSIAEGDPDPRGMTVVGLD
GEVAGTVSDVWVDRSEPQIRYLEVEVAANKKKVLLPIGFSRFDKKARKVKVDAIKAAHFANVPTLSNPDQVTLYEEDKVC
AYYAGGKLYATAERAGPLL
;
H
#
# COMPACT_ATOMS: atom_id res chain seq x y z
N CYS A 1 12.58 -8.16 -13.70
CA CYS A 1 12.28 -8.04 -15.16
C CYS A 1 13.30 -7.15 -15.88
N GLU A 2 14.57 -7.41 -15.55
CA GLU A 2 15.81 -6.79 -16.08
C GLU A 2 15.87 -5.30 -16.36
N GLY A 3 17.09 -4.80 -16.58
CA GLY A 3 17.18 -3.39 -16.86
C GLY A 3 18.38 -2.50 -16.59
N PRO A 4 18.52 -1.90 -15.38
CA PRO A 4 19.59 -0.99 -14.98
C PRO A 4 20.72 -0.85 -15.98
N PRO A 5 20.89 0.36 -16.55
CA PRO A 5 20.09 1.55 -16.27
C PRO A 5 19.08 1.80 -17.39
N PRO A 6 17.90 2.30 -17.05
CA PRO A 6 16.86 2.59 -18.04
C PRO A 6 17.09 3.95 -18.69
N GLY A 7 16.41 4.19 -19.81
CA GLY A 7 16.53 5.49 -20.46
C GLY A 7 15.56 6.38 -19.69
N THR A 8 15.84 7.66 -19.57
CA THR A 8 14.93 8.54 -18.82
C THR A 8 14.87 9.92 -19.44
N GLU A 9 13.73 10.57 -19.28
CA GLU A 9 13.54 11.91 -19.80
C GLU A 9 12.73 12.71 -18.81
N GLN A 10 13.17 13.93 -18.54
CA GLN A 10 12.47 14.80 -17.63
C GLN A 10 11.48 15.61 -18.43
N ILE A 11 10.22 15.62 -17.97
CA ILE A 11 9.16 16.34 -18.65
C ILE A 11 8.83 17.64 -17.93
N GLY A 12 8.42 17.54 -16.67
CA GLY A 12 8.05 18.72 -15.92
C GLY A 12 9.11 19.32 -15.04
N TYR A 13 8.67 20.13 -14.10
CA TYR A 13 9.55 20.80 -13.15
C TYR A 13 10.18 19.74 -12.24
N ARG A 14 11.39 19.99 -11.79
CA ARG A 14 12.06 19.03 -10.91
C ARG A 14 11.21 18.78 -9.69
N GLY A 15 11.10 17.51 -9.31
CA GLY A 15 10.31 17.16 -8.14
C GLY A 15 8.85 16.90 -8.43
N VAL A 16 8.35 17.34 -9.56
CA VAL A 16 6.94 17.14 -9.84
C VAL A 16 6.62 15.73 -10.29
N GLY A 17 7.63 14.94 -10.62
CA GLY A 17 7.40 13.57 -11.04
C GLY A 17 7.06 13.33 -12.50
N MET A 18 7.08 14.38 -13.31
CA MET A 18 6.78 14.28 -14.73
C MET A 18 8.01 13.95 -15.53
N GLU A 19 8.25 12.66 -15.73
CA GLU A 19 9.40 12.17 -16.46
C GLU A 19 9.01 10.91 -17.20
N ASN A 20 9.88 10.42 -18.07
CA ASN A 20 9.57 9.22 -18.85
C ASN A 20 10.72 8.23 -18.84
N TYR A 21 10.38 6.95 -18.70
CA TYR A 21 11.37 5.87 -18.68
C TYR A 21 11.17 4.90 -19.85
N TYR A 22 12.25 4.31 -20.35
CA TYR A 22 12.17 3.36 -21.47
C TYR A 22 13.43 2.49 -21.58
N VAL A 23 13.33 1.32 -22.22
CA VAL A 23 14.48 0.43 -22.41
C VAL A 23 15.25 0.88 -23.61
N LYS A 24 16.52 1.18 -23.42
CA LYS A 24 17.38 1.63 -24.50
C LYS A 24 17.48 0.53 -25.54
N ARG A 25 17.71 -0.69 -25.10
CA ARG A 25 17.84 -1.84 -25.99
C ARG A 25 16.71 -1.76 -27.02
N GLN A 26 15.48 -1.86 -26.54
CA GLN A 26 14.31 -1.81 -27.42
C GLN A 26 14.07 -0.50 -28.12
N ARG A 27 14.57 0.59 -27.57
CA ARG A 27 14.39 1.85 -28.27
C ARG A 27 15.24 1.82 -29.52
N ALA A 28 16.35 1.11 -29.45
CA ALA A 28 17.21 1.04 -30.60
C ALA A 28 16.65 0.06 -31.63
N LEU A 29 16.04 -1.02 -31.18
CA LEU A 29 15.47 -1.98 -32.11
C LEU A 29 14.32 -1.34 -32.85
N SER A 30 13.50 -0.59 -32.11
CA SER A 30 12.33 0.12 -32.63
C SER A 30 12.77 1.12 -33.66
N ILE A 31 13.81 1.87 -33.33
CA ILE A 31 14.32 2.84 -34.28
C ILE A 31 14.67 2.13 -35.57
N GLN A 32 15.21 0.90 -35.45
CA GLN A 32 15.58 0.09 -36.62
C GLN A 32 14.38 -0.47 -37.36
N ALA A 33 13.27 -0.61 -36.64
CA ALA A 33 12.05 -1.14 -37.22
C ALA A 33 11.19 -0.05 -37.86
N ASN A 34 11.52 1.22 -37.60
CA ASN A 34 10.75 2.32 -38.16
C ASN A 34 11.56 3.19 -39.06
N GLN A 35 12.20 2.57 -40.04
CA GLN A 35 13.02 3.28 -41.00
C GLN A 35 12.13 3.72 -42.15
N PRO A 36 12.40 4.89 -42.72
CA PRO A 36 11.59 5.36 -43.83
C PRO A 36 12.26 4.90 -45.11
N VAL A 37 11.47 4.68 -46.15
CA VAL A 37 12.04 4.29 -47.44
C VAL A 37 12.56 5.59 -48.05
N GLU A 38 13.81 5.59 -48.51
CA GLU A 38 14.40 6.79 -49.08
C GLU A 38 13.66 7.30 -50.27
N SER A 39 13.80 8.59 -50.52
CA SER A 39 13.12 9.22 -51.62
C SER A 39 13.65 8.88 -52.99
N LEU A 40 12.86 9.19 -54.00
CA LEU A 40 13.23 8.92 -55.38
C LEU A 40 13.87 10.19 -55.92
N PRO A 41 14.79 10.03 -56.88
CA PRO A 41 15.44 11.22 -57.44
C PRO A 41 14.39 12.23 -57.90
N ALA A 42 14.73 13.51 -57.80
CA ALA A 42 13.85 14.59 -58.23
C ALA A 42 13.36 14.31 -59.64
N ALA A 43 12.25 14.93 -60.03
CA ALA A 43 11.72 14.69 -61.34
C ALA A 43 11.83 15.90 -62.23
N ASP A 44 12.16 15.64 -63.49
CA ASP A 44 12.24 16.68 -64.52
C ASP A 44 10.87 17.28 -64.30
N SER A 45 10.82 18.54 -63.88
CA SER A 45 9.54 19.17 -63.61
C SER A 45 9.02 20.01 -64.75
N THR A 46 9.43 19.69 -65.97
CA THR A 46 8.97 20.46 -67.13
C THR A 46 7.88 19.78 -67.93
N GLY A 47 7.23 20.57 -68.78
CA GLY A 47 6.19 20.01 -69.62
C GLY A 47 4.78 20.34 -69.21
N PRO A 48 3.80 19.71 -69.87
CA PRO A 48 2.39 19.94 -69.55
C PRO A 48 2.03 19.29 -68.24
N LYS A 49 0.86 19.65 -67.71
CA LYS A 49 0.37 19.10 -66.46
C LYS A 49 -0.30 17.78 -66.72
N ALA A 50 -0.20 16.87 -65.77
CA ALA A 50 -0.80 15.56 -65.90
C ALA A 50 -2.22 15.66 -66.42
N SER A 51 -3.03 16.57 -65.85
CA SER A 51 -4.43 16.73 -66.27
C SER A 51 -4.60 17.17 -67.71
N GLU A 52 -3.48 17.51 -68.35
CA GLU A 52 -3.51 17.93 -69.74
C GLU A 52 -3.21 16.75 -70.65
N VAL A 53 -2.47 15.77 -70.16
CA VAL A 53 -2.13 14.63 -70.99
C VAL A 53 -2.88 13.36 -70.65
N TYR A 54 -3.58 13.38 -69.52
CA TYR A 54 -4.34 12.24 -69.08
C TYR A 54 -5.83 12.55 -69.05
N GLN A 55 -6.66 11.53 -68.87
CA GLN A 55 -8.11 11.72 -68.93
C GLN A 55 -8.94 11.76 -67.67
N SER A 56 -8.54 11.01 -66.63
CA SER A 56 -9.29 10.99 -65.37
C SER A 56 -8.43 11.27 -64.17
N VAL A 57 -7.77 12.42 -64.19
CA VAL A 57 -6.90 12.87 -63.13
C VAL A 57 -7.62 13.97 -62.38
N GLN A 58 -8.28 13.62 -61.28
CA GLN A 58 -9.06 14.59 -60.52
C GLN A 58 -8.36 15.17 -59.32
N VAL A 59 -7.16 14.70 -59.05
CA VAL A 59 -6.45 15.19 -57.87
C VAL A 59 -5.05 15.72 -58.15
N LEU A 60 -4.19 14.84 -58.64
CA LEU A 60 -2.83 15.23 -58.93
C LEU A 60 -2.82 16.04 -60.20
N LYS A 61 -3.84 16.87 -60.36
CA LYS A 61 -4.01 17.70 -61.54
C LYS A 61 -2.77 18.48 -61.92
N ASP A 62 -2.55 19.59 -61.25
CA ASP A 62 -1.43 20.47 -61.53
C ASP A 62 -0.02 19.96 -61.38
N LEU A 63 0.17 18.66 -61.36
CA LEU A 63 1.52 18.13 -61.26
C LEU A 63 2.07 17.90 -62.64
N SER A 64 3.39 17.95 -62.77
CA SER A 64 3.98 17.72 -64.06
C SER A 64 3.88 16.23 -64.31
N VAL A 65 4.08 15.82 -65.55
CA VAL A 65 4.02 14.41 -65.89
C VAL A 65 5.09 13.72 -65.07
N GLY A 66 6.33 14.20 -65.22
CA GLY A 66 7.44 13.62 -64.49
C GLY A 66 7.14 13.44 -63.02
N GLU A 67 6.73 14.52 -62.36
CA GLU A 67 6.42 14.44 -60.94
C GLU A 67 5.27 13.46 -60.74
N PHE A 68 4.32 13.47 -61.68
CA PHE A 68 3.15 12.59 -61.62
C PHE A 68 3.58 11.15 -61.69
N THR A 69 4.42 10.82 -62.66
CA THR A 69 4.91 9.46 -62.80
C THR A 69 5.62 9.08 -61.50
N ARG A 70 6.52 9.96 -61.06
CA ARG A 70 7.28 9.75 -59.84
C ARG A 70 6.37 9.45 -58.66
N THR A 71 5.30 10.22 -58.54
CA THR A 71 4.34 10.03 -57.47
C THR A 71 3.75 8.64 -57.57
N MET A 72 3.58 8.15 -58.79
CA MET A 72 3.02 6.83 -58.99
C MET A 72 4.02 5.76 -58.60
N VAL A 73 5.29 5.98 -58.93
CA VAL A 73 6.34 5.02 -58.57
C VAL A 73 6.54 4.91 -57.06
N ALA A 74 6.35 6.02 -56.35
CA ALA A 74 6.54 6.05 -54.90
C ALA A 74 5.37 5.42 -54.16
N VAL A 75 4.17 5.77 -54.58
CA VAL A 75 2.94 5.26 -53.99
C VAL A 75 2.82 3.75 -54.14
N THR A 76 3.51 3.19 -55.12
CA THR A 76 3.46 1.75 -55.37
C THR A 76 4.21 1.00 -54.30
N THR A 77 5.47 1.40 -54.14
CA THR A 77 6.37 0.82 -53.18
C THR A 77 5.86 1.05 -51.78
N TRP A 78 5.14 2.16 -51.61
CA TRP A 78 4.56 2.52 -50.31
C TRP A 78 3.34 1.71 -49.96
N VAL A 79 2.59 1.28 -50.96
CA VAL A 79 1.35 0.54 -50.70
C VAL A 79 1.33 -0.90 -51.15
N SER A 80 1.81 -1.15 -52.37
CA SER A 80 1.78 -2.50 -52.89
C SER A 80 2.90 -2.78 -53.85
N PRO A 81 4.13 -2.84 -53.35
CA PRO A 81 5.33 -3.10 -54.14
C PRO A 81 5.36 -4.49 -54.77
N LYS A 82 4.68 -5.44 -54.15
CA LYS A 82 4.63 -6.80 -54.67
C LYS A 82 3.63 -6.93 -55.80
N GLU A 83 2.67 -6.03 -55.85
CA GLU A 83 1.65 -6.06 -56.87
C GLU A 83 1.92 -5.06 -57.98
N GLY A 84 2.64 -4.00 -57.66
CA GLY A 84 2.98 -3.01 -58.67
C GLY A 84 1.80 -2.25 -59.19
N CYS A 85 2.06 -1.37 -60.15
CA CYS A 85 1.06 -0.53 -60.77
C CYS A 85 -0.33 -1.14 -60.86
N ASN A 86 -0.38 -2.40 -61.24
CA ASN A 86 -1.67 -3.07 -61.40
C ASN A 86 -2.52 -3.20 -60.15
N TYR A 87 -2.01 -2.81 -58.99
CA TYR A 87 -2.80 -2.95 -57.79
C TYR A 87 -4.05 -2.09 -57.80
N CYS A 88 -3.90 -0.83 -58.19
CA CYS A 88 -5.02 0.11 -58.21
C CYS A 88 -5.54 0.37 -59.63
N HIS A 89 -5.13 -0.43 -60.61
CA HIS A 89 -5.55 -0.18 -61.99
C HIS A 89 -6.10 -1.38 -62.74
N VAL A 90 -6.92 -1.10 -63.76
CA VAL A 90 -7.49 -2.13 -64.63
C VAL A 90 -6.48 -2.18 -65.76
N PRO A 91 -5.85 -3.35 -66.00
CA PRO A 91 -4.86 -3.45 -67.07
C PRO A 91 -5.36 -2.87 -68.38
N GLY A 92 -4.46 -2.23 -69.12
CA GLY A 92 -4.85 -1.64 -70.39
C GLY A 92 -5.72 -0.41 -70.27
N ASN A 93 -6.31 -0.17 -69.10
CA ASN A 93 -7.15 1.02 -68.95
C ASN A 93 -6.80 1.77 -67.68
N TRP A 94 -5.63 2.41 -67.70
CA TRP A 94 -5.16 3.17 -66.56
C TRP A 94 -6.14 4.21 -66.06
N ALA A 95 -6.94 4.78 -66.94
CA ALA A 95 -7.88 5.81 -66.54
C ALA A 95 -9.19 5.34 -65.92
N SER A 96 -9.51 4.07 -66.11
CA SER A 96 -10.74 3.54 -65.56
C SER A 96 -10.71 3.52 -64.04
N ASP A 97 -11.86 3.72 -63.43
CA ASP A 97 -11.98 3.69 -61.99
C ASP A 97 -12.77 2.43 -61.68
N ASP A 98 -12.69 1.47 -62.60
CA ASP A 98 -13.44 0.22 -62.48
C ASP A 98 -12.74 -0.82 -61.64
N ILE A 99 -12.48 -0.50 -60.38
CA ILE A 99 -11.81 -1.42 -59.48
C ILE A 99 -11.69 -0.61 -58.21
N TYR A 100 -12.21 -1.14 -57.10
CA TYR A 100 -12.20 -0.38 -55.86
C TYR A 100 -10.89 0.26 -55.40
N THR A 101 -9.77 -0.40 -55.67
CA THR A 101 -8.48 0.09 -55.24
C THR A 101 -8.02 1.39 -55.88
N LYS A 102 -8.74 1.87 -56.88
CA LYS A 102 -8.38 3.13 -57.54
C LYS A 102 -9.24 4.23 -56.92
N VAL A 103 -10.49 3.89 -56.65
CA VAL A 103 -11.42 4.82 -56.05
C VAL A 103 -10.99 5.10 -54.61
N VAL A 104 -10.35 4.13 -54.00
CA VAL A 104 -9.86 4.30 -52.64
C VAL A 104 -8.57 5.10 -52.69
N SER A 105 -7.63 4.70 -53.54
CA SER A 105 -6.37 5.41 -53.68
C SER A 105 -6.60 6.88 -53.95
N ARG A 106 -7.50 7.18 -54.86
CA ARG A 106 -7.78 8.57 -55.19
C ARG A 106 -8.15 9.27 -53.91
N ARG A 107 -9.00 8.63 -53.13
CA ARG A 107 -9.49 9.20 -51.89
C ARG A 107 -8.37 9.31 -50.87
N MET A 108 -7.39 8.43 -50.97
CA MET A 108 -6.27 8.47 -50.03
C MET A 108 -5.21 9.47 -50.42
N PHE A 109 -5.32 10.05 -51.61
CA PHE A 109 -4.35 11.07 -52.01
C PHE A 109 -4.87 12.34 -51.39
N GLU A 110 -6.19 12.39 -51.22
CA GLU A 110 -6.85 13.54 -50.63
C GLU A 110 -6.79 13.54 -49.12
N LEU A 111 -6.58 12.37 -48.53
CA LEU A 111 -6.48 12.25 -47.08
C LEU A 111 -5.13 12.75 -46.64
N VAL A 112 -4.12 12.43 -47.44
CA VAL A 112 -2.75 12.81 -47.17
C VAL A 112 -2.56 14.27 -47.50
N ARG A 113 -3.04 14.65 -48.67
CA ARG A 113 -2.95 16.02 -49.08
C ARG A 113 -3.51 16.89 -47.99
N ALA A 114 -4.68 16.51 -47.48
CA ALA A 114 -5.34 17.25 -46.43
C ALA A 114 -4.48 17.28 -45.17
N ALA A 115 -3.95 16.12 -44.78
CA ALA A 115 -3.13 16.04 -43.59
C ALA A 115 -2.00 17.06 -43.63
N ASN A 116 -1.23 17.01 -44.70
CA ASN A 116 -0.07 17.88 -44.89
C ASN A 116 -0.27 19.36 -45.08
N SER A 117 -1.42 19.75 -45.61
CA SER A 117 -1.66 21.16 -45.85
C SER A 117 -2.61 21.84 -44.91
N ASP A 118 -3.52 21.08 -44.31
CA ASP A 118 -4.48 21.69 -43.41
C ASP A 118 -4.36 21.31 -41.95
N TRP A 119 -3.62 20.26 -41.65
CA TRP A 119 -3.49 19.81 -40.28
C TRP A 119 -2.10 19.92 -39.75
N LYS A 120 -1.41 21.00 -40.11
CA LYS A 120 -0.05 21.21 -39.66
C LYS A 120 0.05 21.38 -38.15
N ALA A 121 -1.03 21.84 -37.52
CA ALA A 121 -1.05 22.02 -36.08
C ALA A 121 -0.79 20.69 -35.42
N HIS A 122 -0.90 19.63 -36.20
CA HIS A 122 -0.66 18.28 -35.71
C HIS A 122 0.58 17.71 -36.35
N VAL A 123 0.54 17.57 -37.67
CA VAL A 123 1.65 16.97 -38.39
C VAL A 123 2.81 17.91 -38.66
N ALA A 124 2.65 19.18 -38.31
CA ALA A 124 3.71 20.17 -38.53
C ALA A 124 4.28 20.03 -39.93
N GLU A 125 5.57 20.31 -40.10
CA GLU A 125 6.19 20.20 -41.42
C GLU A 125 6.77 18.83 -41.69
N THR A 126 6.44 17.85 -40.86
CA THR A 126 6.93 16.49 -41.06
C THR A 126 6.04 15.76 -42.05
N GLY A 127 4.73 16.01 -41.95
CA GLY A 127 3.78 15.43 -42.87
C GLY A 127 3.71 13.93 -42.89
N VAL A 128 2.80 13.43 -43.70
CA VAL A 128 2.60 11.99 -43.84
C VAL A 128 2.67 11.61 -45.31
N THR A 129 2.78 10.32 -45.56
CA THR A 129 2.83 9.78 -46.90
C THR A 129 2.13 8.43 -46.77
N CYS A 130 1.87 7.79 -47.90
CA CYS A 130 1.21 6.50 -47.88
C CYS A 130 1.95 5.57 -46.94
N TYR A 131 3.28 5.63 -46.97
CA TYR A 131 4.10 4.75 -46.15
C TYR A 131 3.79 4.86 -44.67
N THR A 132 3.45 6.07 -44.24
CA THR A 132 3.16 6.33 -42.83
C THR A 132 2.26 5.29 -42.18
N CYS A 133 1.12 5.00 -42.79
CA CYS A 133 0.19 4.01 -42.24
C CYS A 133 0.40 2.63 -42.88
N HIS A 134 0.71 2.61 -44.18
CA HIS A 134 0.85 1.35 -44.93
C HIS A 134 2.10 0.49 -44.70
N ARG A 135 3.26 1.13 -44.61
CA ARG A 135 4.52 0.42 -44.38
C ARG A 135 4.69 -0.72 -45.37
N GLY A 136 4.57 -0.40 -46.66
CA GLY A 136 4.71 -1.38 -47.72
C GLY A 136 3.61 -2.42 -47.83
N ASN A 137 2.51 -2.22 -47.12
CA ASN A 137 1.41 -3.17 -47.14
C ASN A 137 0.11 -2.61 -47.68
N PRO A 138 -0.60 -3.38 -48.51
CA PRO A 138 -1.88 -2.92 -49.07
C PRO A 138 -2.88 -2.69 -47.96
N VAL A 139 -2.77 -3.44 -46.88
CA VAL A 139 -3.68 -3.26 -45.76
C VAL A 139 -2.85 -2.85 -44.55
N PRO A 140 -3.02 -1.61 -44.08
CA PRO A 140 -2.26 -1.10 -42.94
C PRO A 140 -2.33 -2.08 -41.79
N LYS A 141 -1.16 -2.48 -41.30
CA LYS A 141 -1.11 -3.44 -40.21
C LYS A 141 -1.89 -2.93 -39.02
N TYR A 142 -1.82 -1.64 -38.77
CA TYR A 142 -2.50 -1.08 -37.61
C TYR A 142 -3.80 -0.34 -37.85
N ALA A 143 -4.59 -0.82 -38.80
CA ALA A 143 -5.90 -0.24 -39.07
C ALA A 143 -6.70 -1.03 -38.07
N TRP A 144 -7.82 -0.49 -37.64
CA TRP A 144 -8.58 -1.24 -36.64
C TRP A 144 -10.03 -1.40 -37.03
N VAL A 145 -10.74 -2.19 -36.23
CA VAL A 145 -12.12 -2.47 -36.49
C VAL A 145 -12.75 -2.81 -35.16
N THR A 146 -14.03 -2.53 -34.98
CA THR A 146 -14.70 -2.85 -33.72
C THR A 146 -14.88 -4.35 -33.64
N ASP A 147 -13.94 -5.06 -33.01
CA ASP A 147 -14.10 -6.50 -32.95
C ASP A 147 -14.51 -6.96 -31.57
N PRO A 148 -15.23 -8.07 -31.49
CA PRO A 148 -15.67 -8.57 -30.19
C PRO A 148 -14.59 -9.46 -29.59
N GLY A 149 -13.92 -9.00 -28.53
CA GLY A 149 -12.94 -9.86 -27.91
C GLY A 149 -13.68 -11.09 -27.40
N PRO A 150 -13.05 -11.93 -26.59
CA PRO A 150 -13.83 -13.09 -26.13
C PRO A 150 -14.76 -12.72 -24.99
N LYS A 151 -14.72 -11.44 -24.60
CA LYS A 151 -15.56 -10.95 -23.51
C LYS A 151 -16.58 -9.97 -24.06
N TYR A 152 -17.72 -9.85 -23.38
CA TYR A 152 -18.76 -8.94 -23.82
C TYR A 152 -18.54 -7.55 -23.30
N PRO A 153 -18.62 -6.53 -24.17
CA PRO A 153 -18.42 -5.16 -23.70
C PRO A 153 -19.57 -4.74 -22.81
N SER A 154 -19.50 -3.50 -22.33
CA SER A 154 -20.55 -2.96 -21.49
C SER A 154 -21.57 -2.62 -22.53
N GLY A 155 -22.82 -3.02 -22.31
CA GLY A 155 -23.87 -2.71 -23.27
C GLY A 155 -23.97 -1.21 -23.49
N LEU A 156 -23.63 -0.45 -22.46
CA LEU A 156 -23.67 0.99 -22.51
C LEU A 156 -22.54 1.46 -23.42
N LYS A 157 -22.71 2.64 -23.99
CA LYS A 157 -21.72 3.21 -24.89
C LYS A 157 -21.96 4.70 -24.97
N PRO A 158 -20.92 5.50 -25.24
CA PRO A 158 -21.15 6.95 -25.32
C PRO A 158 -22.35 7.12 -26.25
N THR A 159 -23.21 8.10 -25.95
CA THR A 159 -24.41 8.25 -26.76
C THR A 159 -24.22 8.53 -28.26
N GLY A 160 -23.78 7.52 -28.99
CA GLY A 160 -23.55 7.68 -30.42
C GLY A 160 -22.44 8.69 -30.64
N GLN A 161 -22.80 9.93 -30.96
CA GLN A 161 -21.84 11.02 -31.21
C GLN A 161 -22.56 12.32 -30.87
N ASN A 162 -23.84 12.15 -30.50
CA ASN A 162 -24.77 13.24 -30.21
C ASN A 162 -25.26 13.71 -31.59
N TYR A 163 -25.58 12.74 -32.47
CA TYR A 163 -26.03 13.04 -33.83
C TYR A 163 -26.94 11.98 -34.46
N GLY A 164 -27.52 12.33 -35.61
CA GLY A 164 -28.41 11.41 -36.31
C GLY A 164 -28.40 11.45 -37.85
N SER A 165 -27.25 11.80 -38.43
CA SER A 165 -27.16 11.83 -39.90
C SER A 165 -26.79 10.41 -40.39
N LYS A 166 -25.60 10.25 -40.98
CA LYS A 166 -25.13 8.95 -41.50
C LYS A 166 -24.69 7.97 -40.38
N THR A 167 -25.37 8.04 -39.23
CA THR A 167 -24.99 7.23 -38.09
C THR A 167 -25.63 5.85 -37.89
N VAL A 168 -26.62 5.49 -38.69
CA VAL A 168 -27.24 4.17 -38.54
C VAL A 168 -26.18 3.07 -38.53
N ALA A 169 -25.02 3.35 -39.12
CA ALA A 169 -23.94 2.37 -39.17
C ALA A 169 -23.23 2.15 -37.85
N TYR A 170 -23.18 3.17 -37.01
CA TYR A 170 -22.52 3.09 -35.71
C TYR A 170 -23.41 2.39 -34.71
N ALA A 171 -24.69 2.33 -35.04
CA ALA A 171 -25.66 1.71 -34.16
C ALA A 171 -25.53 0.20 -34.11
N SER A 172 -24.87 -0.36 -35.11
CA SER A 172 -24.67 -1.80 -35.19
C SER A 172 -23.38 -2.25 -34.52
N LEU A 173 -22.66 -1.31 -33.92
CA LEU A 173 -21.39 -1.60 -33.26
C LEU A 173 -21.56 -1.57 -31.75
N PRO A 174 -20.95 -2.53 -31.04
CA PRO A 174 -21.10 -2.51 -29.59
C PRO A 174 -20.06 -1.51 -29.08
N PHE A 175 -19.94 -1.35 -27.78
CA PHE A 175 -18.97 -0.40 -27.27
C PHE A 175 -17.56 -0.84 -27.64
N ASP A 176 -16.70 0.13 -27.91
CA ASP A 176 -15.29 -0.12 -28.19
C ASP A 176 -14.52 1.12 -27.78
N PRO A 177 -13.34 0.93 -27.20
CA PRO A 177 -12.53 2.07 -26.76
C PRO A 177 -12.41 3.28 -27.67
N LEU A 178 -12.21 3.08 -28.97
CA LEU A 178 -11.99 4.20 -29.88
C LEU A 178 -13.11 4.85 -30.64
N THR A 179 -13.89 4.05 -31.36
CA THR A 179 -14.96 4.58 -32.17
C THR A 179 -15.75 5.75 -31.62
N PRO A 180 -16.15 5.69 -30.34
CA PRO A 180 -16.92 6.82 -29.82
C PRO A 180 -16.20 8.11 -29.57
N PHE A 181 -14.88 8.14 -29.75
CA PHE A 181 -14.10 9.34 -29.51
C PHE A 181 -13.21 9.72 -30.66
N LEU A 182 -12.70 8.74 -31.39
CA LEU A 182 -11.83 9.07 -32.49
C LEU A 182 -12.52 8.85 -33.84
N ASP A 183 -13.81 8.58 -33.82
CA ASP A 183 -14.61 8.33 -35.02
C ASP A 183 -15.81 9.21 -34.80
N GLN A 184 -16.65 8.85 -33.83
CA GLN A 184 -17.75 9.71 -33.48
C GLN A 184 -17.04 10.80 -32.66
N ALA A 185 -17.77 11.72 -32.05
CA ALA A 185 -17.08 12.79 -31.35
C ALA A 185 -17.63 13.09 -29.99
N ASN A 186 -17.81 12.06 -29.19
CA ASN A 186 -18.32 12.29 -27.85
C ASN A 186 -17.33 13.04 -26.94
N GLU A 187 -17.85 13.57 -25.85
CA GLU A 187 -17.09 14.35 -24.90
C GLU A 187 -16.14 13.48 -24.06
N ILE A 188 -14.87 13.87 -24.09
CA ILE A 188 -13.79 13.21 -23.36
C ILE A 188 -13.67 13.81 -21.95
N ARG A 189 -13.93 15.12 -21.84
CA ARG A 189 -13.84 15.85 -20.58
C ARG A 189 -14.86 15.44 -19.55
N ILE A 190 -14.42 15.27 -18.31
CA ILE A 190 -15.30 14.89 -17.20
C ILE A 190 -14.99 15.67 -15.95
N THR A 191 -13.79 16.22 -15.88
CA THR A 191 -13.33 16.97 -14.72
C THR A 191 -14.12 18.25 -14.61
N GLY A 192 -14.50 18.61 -13.39
CA GLY A 192 -15.27 19.83 -13.19
C GLY A 192 -14.42 21.07 -13.01
N ASN A 193 -14.99 22.23 -13.31
CA ASN A 193 -14.25 23.48 -13.16
C ASN A 193 -14.61 24.21 -11.88
N ALA A 194 -15.49 23.61 -11.08
CA ALA A 194 -15.90 24.21 -9.82
C ALA A 194 -15.57 23.23 -8.72
N ALA A 195 -15.16 23.74 -7.57
CA ALA A 195 -14.84 22.88 -6.43
C ALA A 195 -16.07 22.21 -5.83
N LEU A 196 -17.10 22.98 -5.53
CA LEU A 196 -18.30 22.44 -4.91
C LEU A 196 -19.13 21.71 -5.94
N ALA A 197 -20.06 20.89 -5.47
CA ALA A 197 -20.85 20.10 -6.39
C ALA A 197 -22.26 20.58 -6.66
N GLY A 198 -22.91 19.87 -7.56
CA GLY A 198 -24.29 20.17 -7.92
C GLY A 198 -24.38 20.69 -9.33
N SER A 199 -23.26 20.63 -10.05
CA SER A 199 -23.26 21.17 -11.38
C SER A 199 -22.40 20.46 -12.40
N ASN A 200 -22.11 19.18 -12.20
CA ASN A 200 -21.33 18.44 -13.17
C ASN A 200 -21.91 17.05 -13.28
N PRO A 201 -22.56 16.74 -14.41
CA PRO A 201 -23.19 15.44 -14.62
C PRO A 201 -22.37 14.30 -15.19
N ALA A 202 -21.10 14.53 -15.53
CA ALA A 202 -20.27 13.46 -16.08
C ALA A 202 -20.35 12.30 -15.14
N SER A 203 -20.49 11.09 -15.69
CA SER A 203 -20.62 9.88 -14.89
C SER A 203 -19.30 9.17 -14.65
N LEU A 204 -19.30 8.23 -13.72
CA LEU A 204 -18.08 7.50 -13.45
C LEU A 204 -17.81 6.66 -14.69
N LYS A 205 -18.87 6.19 -15.32
CA LYS A 205 -18.70 5.40 -16.51
C LYS A 205 -17.95 6.25 -17.53
N GLN A 206 -18.31 7.52 -17.61
CA GLN A 206 -17.66 8.42 -18.55
C GLN A 206 -16.21 8.61 -18.17
N ALA A 207 -15.93 8.59 -16.88
CA ALA A 207 -14.57 8.77 -16.41
C ALA A 207 -13.75 7.61 -16.93
N GLU A 208 -14.28 6.39 -16.81
CA GLU A 208 -13.57 5.21 -17.26
C GLU A 208 -13.32 5.19 -18.75
N TRP A 209 -14.27 5.65 -19.54
CA TRP A 209 -14.13 5.67 -20.98
C TRP A 209 -13.01 6.59 -21.38
N THR A 210 -12.93 7.74 -20.74
CA THR A 210 -11.89 8.67 -21.06
C THR A 210 -10.55 8.12 -20.62
N PHE A 211 -10.55 7.38 -19.52
CA PHE A 211 -9.33 6.79 -18.99
C PHE A 211 -8.90 5.73 -19.98
N GLY A 212 -9.86 4.93 -20.44
CA GLY A 212 -9.54 3.90 -21.39
C GLY A 212 -8.95 4.47 -22.65
N LEU A 213 -9.64 5.41 -23.27
CA LEU A 213 -9.18 6.04 -24.49
C LEU A 213 -7.75 6.52 -24.32
N MET A 214 -7.51 7.20 -23.21
CA MET A 214 -6.20 7.73 -22.94
C MET A 214 -5.12 6.67 -22.83
N MET A 215 -5.46 5.50 -22.30
CA MET A 215 -4.46 4.45 -22.18
C MET A 215 -4.08 3.98 -23.56
N ASN A 216 -5.05 4.01 -24.47
CA ASN A 216 -4.81 3.62 -25.85
C ASN A 216 -3.85 4.58 -26.50
N ILE A 217 -4.15 5.86 -26.37
CA ILE A 217 -3.34 6.90 -26.97
C ILE A 217 -1.90 6.82 -26.52
N SER A 218 -1.70 6.65 -25.23
CA SER A 218 -0.37 6.57 -24.64
C SER A 218 0.36 5.39 -25.22
N ASP A 219 -0.28 4.24 -25.21
CA ASP A 219 0.33 3.04 -25.77
C ASP A 219 0.65 3.24 -27.23
N SER A 220 -0.26 3.90 -27.94
CA SER A 220 -0.07 4.14 -29.36
C SER A 220 1.13 5.03 -29.62
N LEU A 221 1.40 5.97 -28.71
CA LEU A 221 2.55 6.86 -28.87
C LEU A 221 3.80 6.38 -28.12
N GLY A 222 3.62 5.32 -27.34
CA GLY A 222 4.69 4.73 -26.56
C GLY A 222 5.19 5.63 -25.45
N VAL A 223 4.26 6.24 -24.74
CA VAL A 223 4.59 7.16 -23.66
C VAL A 223 3.66 6.97 -22.46
N GLY A 224 3.80 7.81 -21.45
CA GLY A 224 2.95 7.72 -20.28
C GLY A 224 2.13 8.99 -20.22
N CYS A 225 1.16 9.04 -19.32
CA CYS A 225 0.30 10.20 -19.20
C CYS A 225 1.02 11.50 -18.98
N THR A 226 2.27 11.44 -18.54
CA THR A 226 3.03 12.64 -18.27
C THR A 226 3.66 13.22 -19.49
N SER A 227 3.43 12.59 -20.64
CA SER A 227 3.98 13.13 -21.88
C SER A 227 3.17 14.38 -22.21
N CYS A 228 1.94 14.42 -21.71
CA CYS A 228 1.00 15.50 -21.99
C CYS A 228 0.35 16.14 -20.77
N HIS A 229 0.23 15.42 -19.67
CA HIS A 229 -0.42 15.95 -18.47
C HIS A 229 0.46 16.20 -17.25
N ASN A 230 -0.18 16.67 -16.19
CA ASN A 230 0.42 16.84 -14.89
C ASN A 230 -0.75 16.23 -14.19
N THR A 231 -0.65 14.95 -13.91
CA THR A 231 -1.71 14.19 -13.32
C THR A 231 -2.35 14.70 -12.05
N ARG A 232 -1.83 15.78 -11.48
CA ARG A 232 -2.46 16.32 -10.30
C ARG A 232 -3.66 17.10 -10.77
N ALA A 233 -3.67 17.43 -12.06
CA ALA A 233 -4.78 18.17 -12.65
C ALA A 233 -4.77 17.82 -14.12
N PHE A 234 -5.50 16.77 -14.47
CA PHE A 234 -5.57 16.30 -15.85
C PHE A 234 -6.22 17.28 -16.81
N ASN A 235 -7.20 18.03 -16.31
CA ASN A 235 -7.94 18.98 -17.11
C ASN A 235 -7.30 20.33 -17.28
N ASP A 236 -6.29 20.62 -16.48
CA ASP A 236 -5.63 21.91 -16.52
C ASP A 236 -4.65 22.11 -17.67
N TRP A 237 -5.05 22.94 -18.63
CA TRP A 237 -4.20 23.19 -19.79
C TRP A 237 -2.95 23.96 -19.49
N THR A 238 -2.97 24.78 -18.45
CA THR A 238 -1.80 25.60 -18.12
C THR A 238 -0.70 24.78 -17.49
N GLN A 239 -1.07 23.66 -16.90
CA GLN A 239 -0.12 22.75 -16.26
C GLN A 239 0.28 21.60 -17.15
N SER A 240 -0.29 21.54 -18.36
CA SER A 240 -0.01 20.46 -19.27
C SER A 240 1.16 20.79 -20.20
N THR A 241 1.52 19.85 -21.06
CA THR A 241 2.62 20.07 -21.97
C THR A 241 2.08 20.36 -23.34
N PRO A 242 2.86 21.09 -24.15
CA PRO A 242 2.47 21.43 -25.52
C PRO A 242 2.13 20.24 -26.41
N LYS A 243 2.29 19.03 -25.88
CA LYS A 243 1.97 17.82 -26.62
C LYS A 243 0.48 17.58 -26.46
N ARG A 244 -0.07 18.10 -25.36
CA ARG A 244 -1.49 17.94 -25.12
C ARG A 244 -2.23 18.75 -26.15
N THR A 245 -1.72 19.94 -26.46
CA THR A 245 -2.36 20.79 -27.45
C THR A 245 -2.37 20.00 -28.75
N THR A 246 -1.21 19.54 -29.16
CA THR A 246 -1.02 18.76 -30.37
C THR A 246 -1.87 17.49 -30.44
N ALA A 247 -2.03 16.81 -29.32
CA ALA A 247 -2.85 15.62 -29.29
C ALA A 247 -4.30 16.00 -29.50
N TRP A 248 -4.66 17.21 -29.09
CA TRP A 248 -6.02 17.68 -29.23
C TRP A 248 -6.36 17.77 -30.70
N TYR A 249 -5.51 18.45 -31.47
CA TYR A 249 -5.73 18.60 -32.90
C TYR A 249 -5.63 17.26 -33.56
N ALA A 250 -4.95 16.32 -32.94
CA ALA A 250 -4.82 15.00 -33.52
C ALA A 250 -6.14 14.28 -33.41
N ILE A 251 -6.84 14.47 -32.30
CA ILE A 251 -8.12 13.83 -32.08
C ILE A 251 -9.14 14.28 -33.13
N ARG A 252 -9.09 15.56 -33.50
CA ARG A 252 -9.99 16.07 -34.53
C ARG A 252 -9.54 15.56 -35.90
N HIS A 253 -8.25 15.62 -36.15
CA HIS A 253 -7.65 15.18 -37.40
C HIS A 253 -8.05 13.75 -37.70
N VAL A 254 -8.02 12.91 -36.68
CA VAL A 254 -8.39 11.51 -36.83
C VAL A 254 -9.89 11.38 -36.95
N ARG A 255 -10.65 12.35 -36.43
CA ARG A 255 -12.09 12.30 -36.57
C ARG A 255 -12.49 12.66 -37.99
N ASP A 256 -11.72 13.56 -38.58
CA ASP A 256 -11.95 14.01 -39.93
C ASP A 256 -11.51 12.92 -40.91
N ILE A 257 -10.48 12.18 -40.57
CA ILE A 257 -10.00 11.12 -41.43
C ILE A 257 -11.03 10.03 -41.49
N ASN A 258 -11.46 9.54 -40.33
CA ASN A 258 -12.43 8.47 -40.25
C ASN A 258 -13.81 8.77 -40.78
N GLN A 259 -14.29 9.97 -40.53
CA GLN A 259 -15.62 10.35 -40.96
C GLN A 259 -15.82 10.69 -42.42
N ASN A 260 -14.91 11.46 -42.99
CA ASN A 260 -15.07 11.87 -44.37
C ASN A 260 -14.09 11.24 -45.33
N TYR A 261 -13.34 10.23 -44.89
CA TYR A 261 -12.39 9.60 -45.77
C TYR A 261 -12.44 8.09 -45.76
N ILE A 262 -12.70 7.49 -44.61
CA ILE A 262 -12.74 6.04 -44.55
C ILE A 262 -14.16 5.51 -44.64
N TRP A 263 -15.04 5.98 -43.77
CA TRP A 263 -16.41 5.51 -43.79
C TRP A 263 -17.14 5.63 -45.12
N PRO A 264 -16.98 6.75 -45.83
CA PRO A 264 -17.67 6.87 -47.11
C PRO A 264 -17.22 5.83 -48.12
N LEU A 265 -15.98 5.39 -48.02
CA LEU A 265 -15.49 4.37 -48.93
C LEU A 265 -15.98 3.02 -48.50
N ASN A 266 -16.78 2.97 -47.45
CA ASN A 266 -17.25 1.68 -46.96
C ASN A 266 -18.04 0.88 -47.94
N ASP A 267 -18.70 1.54 -48.89
CA ASP A 267 -19.49 0.79 -49.86
C ASP A 267 -18.67 0.14 -50.97
N VAL A 268 -17.51 0.69 -51.28
CA VAL A 268 -16.67 0.14 -52.33
C VAL A 268 -15.55 -0.78 -51.88
N LEU A 269 -15.50 -1.08 -50.60
CA LEU A 269 -14.46 -1.97 -50.09
C LEU A 269 -15.03 -3.35 -49.92
N PRO A 270 -14.23 -4.38 -50.19
CA PRO A 270 -14.72 -5.75 -50.04
C PRO A 270 -14.89 -6.11 -48.59
N ALA A 271 -15.65 -7.16 -48.33
CA ALA A 271 -15.91 -7.63 -46.97
C ALA A 271 -14.63 -7.92 -46.21
N SER A 272 -13.62 -8.41 -46.91
CA SER A 272 -12.37 -8.73 -46.25
C SER A 272 -11.79 -7.53 -45.49
N ARG A 273 -12.18 -6.31 -45.88
CA ARG A 273 -11.69 -5.11 -45.21
C ARG A 273 -12.67 -4.53 -44.21
N LYS A 274 -13.61 -5.34 -43.73
CA LYS A 274 -14.59 -4.87 -42.77
C LYS A 274 -14.68 -5.86 -41.62
N GLY A 275 -14.90 -5.34 -40.42
CA GLY A 275 -15.00 -6.19 -39.25
C GLY A 275 -16.32 -6.91 -39.14
N PRO A 276 -16.45 -7.84 -38.16
CA PRO A 276 -17.69 -8.59 -37.98
C PRO A 276 -18.96 -7.77 -37.85
N TYR A 277 -18.83 -6.47 -37.68
CA TYR A 277 -20.00 -5.61 -37.55
C TYR A 277 -20.24 -4.81 -38.82
N GLY A 278 -19.43 -5.07 -39.82
CA GLY A 278 -19.59 -4.38 -41.07
C GLY A 278 -18.86 -3.07 -41.14
N ASP A 279 -18.20 -2.68 -40.06
CA ASP A 279 -17.45 -1.43 -40.06
C ASP A 279 -16.14 -1.67 -40.77
N PRO A 280 -15.59 -0.66 -41.43
CA PRO A 280 -14.34 -0.79 -42.16
C PRO A 280 -13.10 -0.56 -41.32
N LEU A 281 -11.98 -1.11 -41.75
CA LEU A 281 -10.74 -0.90 -41.03
C LEU A 281 -10.53 0.59 -41.13
N ARG A 282 -10.50 1.26 -40.00
CA ARG A 282 -10.32 2.70 -39.99
C ARG A 282 -9.02 3.12 -39.31
N VAL A 283 -8.91 4.39 -39.02
CA VAL A 283 -7.70 4.94 -38.43
C VAL A 283 -7.78 5.24 -36.95
N SER A 284 -6.65 5.07 -36.26
CA SER A 284 -6.53 5.38 -34.85
C SER A 284 -5.13 5.95 -34.69
N CYS A 285 -4.72 6.25 -33.46
CA CYS A 285 -3.38 6.80 -33.27
C CYS A 285 -2.32 5.75 -33.61
N MET A 286 -2.57 4.49 -33.26
CA MET A 286 -1.62 3.40 -33.54
C MET A 286 -1.28 3.30 -35.01
N THR A 287 -2.29 3.51 -35.86
CA THR A 287 -2.16 3.40 -37.29
C THR A 287 -0.94 4.10 -37.89
N CYS A 288 -0.71 5.34 -37.50
CA CYS A 288 0.43 6.12 -38.00
C CYS A 288 1.65 5.98 -37.09
N HIS A 289 1.47 6.24 -35.80
CA HIS A 289 2.54 6.18 -34.81
C HIS A 289 3.11 4.81 -34.53
N GLN A 290 2.29 3.78 -34.59
CA GLN A 290 2.78 2.42 -34.36
C GLN A 290 3.72 2.31 -33.18
N ALA A 291 3.36 2.92 -32.05
CA ALA A 291 4.15 2.86 -30.81
C ALA A 291 5.33 3.81 -30.67
N VAL A 292 5.32 4.92 -31.41
CA VAL A 292 6.40 5.91 -31.31
C VAL A 292 5.76 7.28 -31.23
N ASN A 293 6.32 8.19 -30.42
CA ASN A 293 5.76 9.53 -30.27
C ASN A 293 5.61 10.29 -31.58
N LYS A 294 6.37 9.88 -32.58
CA LYS A 294 6.31 10.49 -33.91
C LYS A 294 6.48 9.36 -34.89
N PRO A 295 5.59 9.27 -35.89
CA PRO A 295 5.70 8.19 -36.87
C PRO A 295 7.10 8.16 -37.46
N LEU A 296 7.67 6.96 -37.47
CA LEU A 296 9.00 6.75 -38.01
C LEU A 296 9.95 7.77 -37.43
N TYR A 297 9.88 7.92 -36.11
CA TYR A 297 10.73 8.88 -35.41
C TYR A 297 10.79 10.24 -36.06
N GLY A 298 9.67 10.66 -36.62
CA GLY A 298 9.60 11.96 -37.24
C GLY A 298 10.42 12.14 -38.48
N ALA A 299 10.69 11.07 -39.22
CA ALA A 299 11.43 11.21 -40.47
C ALA A 299 10.58 12.07 -41.38
N GLN A 300 11.22 12.95 -42.13
CA GLN A 300 10.50 13.84 -43.02
C GLN A 300 10.54 13.34 -44.46
N MET A 301 9.55 12.52 -44.81
CA MET A 301 9.42 11.93 -46.13
C MET A 301 8.64 12.83 -47.09
N ALA A 302 7.45 13.24 -46.64
CA ALA A 302 6.54 14.07 -47.42
C ALA A 302 7.12 15.28 -48.12
N LYS A 303 8.09 15.94 -47.52
CA LYS A 303 8.65 17.15 -48.11
C LYS A 303 9.23 16.92 -49.49
N ASP A 304 9.46 15.66 -49.85
CA ASP A 304 10.04 15.33 -51.14
C ASP A 304 9.05 15.10 -52.29
N TYR A 305 7.77 15.02 -51.95
CA TYR A 305 6.76 14.78 -52.97
C TYR A 305 5.75 15.90 -52.96
N PRO A 306 5.89 16.84 -53.88
CA PRO A 306 4.96 17.96 -53.92
C PRO A 306 3.55 17.47 -54.25
N GLY A 307 3.46 16.27 -54.80
CA GLY A 307 2.15 15.75 -55.14
C GLY A 307 1.32 15.38 -53.94
N LEU A 308 1.87 15.53 -52.74
CA LEU A 308 1.14 15.18 -51.53
C LEU A 308 0.64 16.39 -50.79
N TYR A 309 0.59 17.53 -51.48
CA TYR A 309 0.13 18.75 -50.87
C TYR A 309 -0.97 19.35 -51.73
N LYS A 310 -1.90 20.05 -51.11
CA LYS A 310 -2.97 20.68 -51.86
C LYS A 310 -2.42 21.82 -52.73
N ALA B 1 11.39 14.35 34.77
CA ALA B 1 10.48 13.64 35.72
C ALA B 1 10.43 12.21 35.27
N MET B 2 10.20 11.30 36.22
CA MET B 2 10.17 9.89 35.90
C MET B 2 8.88 9.25 36.32
N LEU B 3 8.55 8.13 35.68
CA LEU B 3 7.37 7.38 36.06
C LEU B 3 7.67 6.94 37.49
N SER B 4 6.66 6.51 38.23
CA SER B 4 6.85 6.11 39.62
C SER B 4 7.58 4.79 39.79
N PHE B 5 7.96 4.14 38.70
CA PHE B 5 8.66 2.87 38.79
C PHE B 5 9.81 2.87 37.82
N GLU B 6 10.27 4.06 37.47
CA GLU B 6 11.33 4.22 36.50
C GLU B 6 12.73 4.26 37.01
N LYS B 7 12.91 4.79 38.21
CA LYS B 7 14.24 4.93 38.78
C LYS B 7 14.99 3.62 38.86
N LYS B 8 14.30 2.55 39.26
CA LYS B 8 14.96 1.26 39.36
C LYS B 8 15.59 0.79 38.07
N TYR B 9 15.35 1.48 36.96
CA TYR B 9 15.94 1.03 35.72
C TYR B 9 16.94 1.97 35.12
N ARG B 10 16.97 3.21 35.60
CA ARG B 10 17.90 4.20 35.07
C ARG B 10 19.36 3.93 35.36
N VAL B 11 19.82 2.75 34.97
CA VAL B 11 21.20 2.33 35.20
C VAL B 11 22.16 3.08 34.31
N ARG B 12 23.43 3.02 34.68
CA ARG B 12 24.51 3.66 33.96
C ARG B 12 25.16 2.63 33.04
N GLY B 13 25.54 3.04 31.84
CA GLY B 13 26.16 2.12 30.92
C GLY B 13 25.16 1.44 30.00
N GLY B 14 25.68 0.74 29.01
CA GLY B 14 24.84 0.05 28.05
C GLY B 14 25.04 0.66 26.67
N THR B 15 25.86 1.72 26.60
CA THR B 15 26.10 2.40 25.35
C THR B 15 26.68 1.51 24.27
N LEU B 16 26.91 2.13 23.11
CA LEU B 16 27.48 1.46 21.95
C LEU B 16 28.81 2.13 21.71
N ILE B 17 28.82 3.45 21.79
CA ILE B 17 30.03 4.23 21.65
C ILE B 17 29.85 5.46 22.52
N GLY B 18 30.92 5.91 23.18
CA GLY B 18 30.82 7.09 24.02
C GLY B 18 30.97 6.86 25.51
N GLY B 19 30.36 5.80 26.03
CA GLY B 19 30.44 5.53 27.46
C GLY B 19 29.89 6.72 28.20
N ASP B 20 30.24 6.88 29.48
CA ASP B 20 29.75 7.97 30.31
C ASP B 20 29.66 9.38 29.72
N LEU B 21 30.25 9.62 28.56
CA LEU B 21 30.21 10.95 27.99
C LEU B 21 28.82 11.58 27.87
N PHE B 22 27.87 10.84 27.27
CA PHE B 22 26.51 11.35 27.09
C PHE B 22 25.46 10.45 27.70
N ASP B 23 25.89 9.54 28.56
CA ASP B 23 24.98 8.61 29.20
C ASP B 23 24.11 9.30 30.24
N PHE B 24 23.13 10.07 29.79
CA PHE B 24 22.23 10.75 30.72
C PHE B 24 20.92 11.04 30.03
N TRP B 25 19.93 11.46 30.81
CA TRP B 25 18.62 11.78 30.28
C TRP B 25 18.39 13.30 30.32
N VAL B 26 17.40 13.77 29.57
CA VAL B 26 17.02 15.18 29.56
C VAL B 26 15.50 15.09 29.62
N GLY B 27 14.91 15.39 30.77
CA GLY B 27 13.47 15.24 30.87
C GLY B 27 13.33 13.75 30.78
N PRO B 28 12.45 13.23 29.93
CA PRO B 28 12.30 11.78 29.84
C PRO B 28 13.17 11.10 28.77
N PHE B 29 13.74 11.88 27.86
CA PHE B 29 14.54 11.31 26.79
C PHE B 29 15.92 10.92 27.25
N TYR B 30 16.39 9.78 26.74
CA TYR B 30 17.73 9.35 27.04
C TYR B 30 18.50 9.95 25.89
N VAL B 31 19.69 10.44 26.16
CA VAL B 31 20.46 11.06 25.11
C VAL B 31 21.38 10.07 24.44
N GLY B 32 22.62 10.02 24.87
CA GLY B 32 23.55 9.08 24.28
C GLY B 32 24.24 9.74 23.13
N PHE B 33 25.36 9.17 22.70
CA PHE B 33 26.13 9.72 21.60
C PHE B 33 25.27 9.87 20.37
N PHE B 34 24.31 8.95 20.22
CA PHE B 34 23.46 8.98 19.06
C PHE B 34 22.32 9.95 19.23
N GLY B 35 22.16 10.47 20.44
CA GLY B 35 21.13 11.46 20.69
C GLY B 35 21.75 12.77 20.28
N VAL B 36 23.06 12.86 20.41
CA VAL B 36 23.76 14.08 20.06
C VAL B 36 24.01 14.16 18.58
N VAL B 37 24.43 13.07 17.97
CA VAL B 37 24.65 13.11 16.52
C VAL B 37 23.32 13.31 15.84
N GLY B 38 22.33 12.55 16.27
CA GLY B 38 21.00 12.64 15.70
C GLY B 38 20.50 14.06 15.75
N PHE B 39 20.55 14.69 16.91
CA PHE B 39 20.09 16.06 17.07
C PHE B 39 20.83 17.01 16.15
N CYS B 40 22.09 16.71 15.88
CA CYS B 40 22.89 17.54 14.99
C CYS B 40 22.41 17.44 13.56
N PHE B 41 22.09 16.23 13.13
CA PHE B 41 21.59 15.98 11.79
C PHE B 41 20.24 16.64 11.63
N THR B 42 19.37 16.47 12.61
CA THR B 42 18.04 17.04 12.57
C THR B 42 18.08 18.54 12.43
N LEU B 43 18.77 19.21 13.35
CA LEU B 43 18.90 20.67 13.36
C LEU B 43 19.42 21.27 12.07
N LEU B 44 20.51 20.73 11.54
CA LEU B 44 21.00 21.27 10.28
C LEU B 44 19.95 20.91 9.24
N GLY B 45 19.29 19.78 9.43
CA GLY B 45 18.27 19.34 8.50
C GLY B 45 17.13 20.32 8.44
N VAL B 46 16.55 20.62 9.60
CA VAL B 46 15.45 21.55 9.70
C VAL B 46 15.88 22.95 9.31
N LEU B 47 16.99 23.42 9.88
CA LEU B 47 17.49 24.75 9.57
C LEU B 47 17.68 24.93 8.07
N LEU B 48 17.95 23.85 7.36
CA LEU B 48 18.14 23.94 5.92
C LEU B 48 16.81 24.00 5.19
N ILE B 49 15.81 23.36 5.77
CA ILE B 49 14.48 23.36 5.20
C ILE B 49 13.89 24.74 5.38
N VAL B 50 14.33 25.43 6.42
CA VAL B 50 13.86 26.79 6.71
C VAL B 50 14.42 27.80 5.71
N TRP B 51 15.72 27.75 5.47
CA TRP B 51 16.34 28.65 4.50
C TRP B 51 15.79 28.41 3.10
N GLY B 52 15.37 27.19 2.84
CA GLY B 52 14.83 26.86 1.54
C GLY B 52 13.48 27.51 1.34
N ALA B 53 12.68 27.58 2.40
CA ALA B 53 11.37 28.21 2.33
C ALA B 53 11.58 29.70 2.09
N THR B 54 12.68 30.19 2.67
CA THR B 54 13.08 31.58 2.58
C THR B 54 13.43 31.96 1.15
N ILE B 55 14.14 31.08 0.46
CA ILE B 55 14.56 31.32 -0.91
C ILE B 55 13.48 31.06 -1.95
N GLY B 56 12.62 30.07 -1.72
CA GLY B 56 11.57 29.76 -2.68
C GLY B 56 12.11 29.12 -3.95
N PRO B 57 11.25 28.53 -4.79
CA PRO B 57 11.63 27.86 -6.04
C PRO B 57 12.32 28.75 -7.06
N THR B 58 12.21 30.07 -6.90
CA THR B 58 12.81 31.00 -7.85
C THR B 58 13.71 32.07 -7.21
N GLY B 59 13.22 32.72 -6.16
CA GLY B 59 14.02 33.73 -5.49
C GLY B 59 13.30 34.20 -4.25
N PRO B 60 14.02 34.64 -3.21
CA PRO B 60 13.37 35.10 -1.97
C PRO B 60 12.32 36.19 -2.17
N THR B 61 12.36 36.80 -3.36
CA THR B 61 11.44 37.87 -3.72
C THR B 61 10.33 37.42 -4.64
N SER B 62 10.48 36.21 -5.17
CA SER B 62 9.49 35.67 -6.09
C SER B 62 8.11 35.49 -5.50
N ASP B 63 7.13 35.44 -6.41
CA ASP B 63 5.73 35.29 -6.07
C ASP B 63 5.43 33.86 -5.69
N LEU B 64 6.33 32.96 -6.08
CA LEU B 64 6.19 31.53 -5.79
C LEU B 64 6.73 31.22 -4.40
N GLN B 65 7.52 32.13 -3.85
CA GLN B 65 8.05 31.93 -2.51
C GLN B 65 6.85 31.90 -1.59
N THR B 66 6.97 31.18 -0.49
CA THR B 66 5.87 31.03 0.44
C THR B 66 6.32 30.43 1.75
N TYR B 67 5.56 30.72 2.79
CA TYR B 67 5.82 30.21 4.13
C TYR B 67 4.61 29.44 4.58
N ASN B 68 3.70 29.18 3.65
CA ASN B 68 2.49 28.44 3.94
C ASN B 68 2.93 26.98 4.03
N LEU B 69 2.55 26.32 5.12
CA LEU B 69 2.98 24.95 5.34
C LEU B 69 2.64 23.91 4.30
N TRP B 70 1.50 24.04 3.65
CA TRP B 70 1.10 23.08 2.63
C TRP B 70 1.91 23.22 1.36
N ARG B 71 2.26 24.46 1.02
CA ARG B 71 2.95 24.74 -0.23
C ARG B 71 4.47 24.78 -0.21
N ILE B 72 5.09 24.81 0.95
CA ILE B 72 6.55 24.84 1.00
C ILE B 72 7.07 23.57 0.34
N SER B 73 8.12 23.70 -0.44
CA SER B 73 8.65 22.54 -1.13
C SER B 73 10.11 22.62 -1.48
N ILE B 74 10.84 21.55 -1.18
CA ILE B 74 12.26 21.49 -1.50
C ILE B 74 12.32 20.33 -2.46
N ALA B 75 12.73 20.58 -3.69
CA ALA B 75 12.78 19.54 -4.69
C ALA B 75 14.15 19.10 -5.12
N PRO B 76 14.28 17.85 -5.60
CA PRO B 76 15.56 17.33 -6.06
C PRO B 76 16.10 18.15 -7.22
N PRO B 77 17.32 17.86 -7.68
CA PRO B 77 17.83 18.65 -8.79
C PRO B 77 17.29 18.09 -10.09
N ASP B 78 17.50 18.78 -11.21
CA ASP B 78 17.04 18.28 -12.51
C ASP B 78 17.69 16.94 -12.71
N LEU B 79 17.27 16.21 -13.73
CA LEU B 79 17.92 14.92 -13.95
C LEU B 79 19.22 15.15 -14.69
N SER B 80 19.33 16.29 -15.35
CA SER B 80 20.50 16.64 -16.11
C SER B 80 21.78 16.54 -15.29
N TYR B 81 21.63 16.61 -13.97
CA TYR B 81 22.76 16.52 -13.07
C TYR B 81 23.19 15.11 -12.76
N GLY B 82 22.39 14.13 -13.16
CA GLY B 82 22.76 12.76 -12.86
C GLY B 82 23.09 12.60 -11.39
N LEU B 83 24.14 11.85 -11.11
CA LEU B 83 24.56 11.58 -9.75
C LEU B 83 25.51 12.61 -9.18
N ARG B 84 25.50 13.83 -9.71
CA ARG B 84 26.41 14.84 -9.22
C ARG B 84 25.78 15.71 -8.17
N MET B 85 26.61 16.50 -7.50
CA MET B 85 26.12 17.42 -6.50
C MET B 85 25.64 18.59 -7.30
N ALA B 86 24.45 19.09 -6.97
CA ALA B 86 23.87 20.21 -7.68
C ALA B 86 23.98 21.51 -6.90
N PRO B 87 23.94 22.66 -7.58
CA PRO B 87 24.03 23.94 -6.88
C PRO B 87 22.98 23.98 -5.81
N LEU B 88 23.29 24.61 -4.68
CA LEU B 88 22.35 24.68 -3.58
C LEU B 88 20.94 25.02 -4.00
N THR B 89 20.77 26.15 -4.65
CA THR B 89 19.45 26.60 -5.08
C THR B 89 18.91 25.93 -6.32
N GLU B 90 19.52 24.81 -6.71
CA GLU B 90 19.10 24.06 -7.89
C GLU B 90 19.02 22.57 -7.53
N GLY B 91 18.62 22.30 -6.30
CA GLY B 91 18.54 20.93 -5.85
C GLY B 91 19.66 20.56 -4.88
N GLY B 92 20.56 21.52 -4.61
CA GLY B 92 21.64 21.25 -3.69
C GLY B 92 21.07 21.05 -2.30
N LEU B 93 20.23 21.97 -1.87
CA LEU B 93 19.61 21.88 -0.56
C LEU B 93 19.03 20.50 -0.32
N TRP B 94 18.28 20.00 -1.29
CA TRP B 94 17.64 18.69 -1.18
C TRP B 94 18.64 17.59 -1.00
N GLN B 95 19.78 17.71 -1.65
CA GLN B 95 20.81 16.70 -1.53
C GLN B 95 21.36 16.63 -0.12
N ILE B 96 21.62 17.78 0.48
CA ILE B 96 22.15 17.83 1.84
C ILE B 96 21.10 17.37 2.85
N ILE B 97 19.90 17.93 2.77
CA ILE B 97 18.82 17.55 3.68
C ILE B 97 18.60 16.05 3.71
N THR B 98 18.75 15.39 2.57
CA THR B 98 18.55 13.96 2.49
C THR B 98 19.59 13.24 3.32
N ILE B 99 20.85 13.62 3.19
CA ILE B 99 21.93 13.01 3.96
C ILE B 99 21.61 13.17 5.44
N CYS B 100 21.11 14.34 5.81
CA CYS B 100 20.75 14.60 7.20
C CYS B 100 19.59 13.74 7.66
N ALA B 101 18.59 13.56 6.81
CA ALA B 101 17.44 12.76 7.17
C ALA B 101 17.87 11.34 7.42
N ALA B 102 18.77 10.85 6.59
CA ALA B 102 19.27 9.50 6.71
C ALA B 102 20.11 9.40 7.97
N GLY B 103 20.97 10.39 8.17
CA GLY B 103 21.81 10.40 9.36
C GLY B 103 20.95 10.55 10.61
N ALA B 104 19.88 11.31 10.52
CA ALA B 104 18.99 11.52 11.64
C ALA B 104 18.19 10.28 11.97
N PHE B 105 17.74 9.57 10.95
CA PHE B 105 16.96 8.36 11.12
C PHE B 105 17.80 7.21 11.60
N ILE B 106 18.97 7.02 11.01
CA ILE B 106 19.84 5.93 11.41
C ILE B 106 20.33 6.07 12.85
N SER B 107 20.52 7.31 13.31
CA SER B 107 20.96 7.53 14.68
C SER B 107 19.84 7.16 15.63
N TRP B 108 18.62 7.55 15.28
CA TRP B 108 17.45 7.28 16.10
C TRP B 108 17.36 5.79 16.36
N ALA B 109 17.57 5.01 15.31
CA ALA B 109 17.51 3.56 15.45
C ALA B 109 18.66 3.12 16.33
N LEU B 110 19.87 3.63 16.06
CA LEU B 110 21.04 3.28 16.85
C LEU B 110 20.88 3.68 18.30
N ARG B 111 20.03 4.68 18.53
CA ARG B 111 19.75 5.15 19.88
C ARG B 111 18.75 4.23 20.56
N GLU B 112 17.93 3.55 19.77
CA GLU B 112 16.97 2.61 20.34
C GLU B 112 17.73 1.37 20.77
N VAL B 113 18.88 1.14 20.12
CA VAL B 113 19.73 0.00 20.42
C VAL B 113 20.33 0.16 21.79
N GLU B 114 20.87 1.34 22.09
CA GLU B 114 21.44 1.60 23.39
C GLU B 114 20.38 1.53 24.49
N ILE B 115 19.20 2.04 24.19
CA ILE B 115 18.10 2.02 25.14
C ILE B 115 17.68 0.60 25.43
N CYS B 116 17.82 -0.27 24.43
CA CYS B 116 17.46 -1.66 24.58
C CYS B 116 18.50 -2.37 25.40
N ARG B 117 19.75 -2.04 25.17
CA ARG B 117 20.84 -2.65 25.90
C ARG B 117 20.74 -2.30 27.37
N LYS B 118 20.25 -1.10 27.65
CA LYS B 118 20.07 -0.63 29.02
C LYS B 118 18.95 -1.33 29.75
N LEU B 119 18.02 -1.91 29.02
CA LEU B 119 16.89 -2.59 29.62
C LEU B 119 16.95 -4.10 29.57
N GLY B 120 17.88 -4.64 28.78
CA GLY B 120 18.00 -6.08 28.68
C GLY B 120 16.83 -6.70 27.95
N ILE B 121 16.31 -5.94 26.98
CA ILE B 121 15.20 -6.38 26.18
C ILE B 121 15.69 -6.61 24.75
N GLY B 122 14.86 -7.28 23.94
CA GLY B 122 15.23 -7.55 22.57
C GLY B 122 15.29 -6.31 21.69
N PHE B 123 15.95 -6.42 20.56
CA PHE B 123 16.08 -5.30 19.65
C PHE B 123 15.09 -5.35 18.47
N HIS B 124 13.90 -5.88 18.70
CA HIS B 124 12.93 -5.97 17.64
C HIS B 124 12.49 -4.62 17.11
N VAL B 125 12.22 -3.68 18.00
CA VAL B 125 11.79 -2.34 17.59
C VAL B 125 12.78 -1.67 16.65
N PRO B 126 14.06 -1.55 17.04
CA PRO B 126 14.98 -0.90 16.10
C PRO B 126 15.22 -1.74 14.84
N PHE B 127 14.93 -3.03 14.91
CA PHE B 127 15.10 -3.89 13.75
C PHE B 127 13.97 -3.55 12.80
N ALA B 128 12.74 -3.58 13.32
CA ALA B 128 11.55 -3.26 12.55
C ALA B 128 11.63 -1.86 12.01
N PHE B 129 12.13 -0.92 12.79
CA PHE B 129 12.23 0.46 12.34
C PHE B 129 13.10 0.57 11.11
N SER B 130 14.22 -0.12 11.07
CA SER B 130 15.10 -0.03 9.91
C SER B 130 14.43 -0.40 8.61
N PHE B 131 13.21 -0.94 8.68
CA PHE B 131 12.47 -1.29 7.47
C PHE B 131 11.88 -0.03 6.89
N ALA B 132 11.49 0.92 7.74
CA ALA B 132 10.95 2.18 7.28
C ALA B 132 12.08 3.00 6.70
N ILE B 133 13.27 2.88 7.28
CA ILE B 133 14.44 3.60 6.81
C ILE B 133 14.91 3.03 5.48
N GLY B 134 14.70 1.73 5.29
CA GLY B 134 15.10 1.10 4.05
C GLY B 134 14.20 1.59 2.94
N ALA B 135 12.90 1.64 3.21
CA ALA B 135 11.90 2.11 2.24
C ALA B 135 12.23 3.54 1.88
N TYR B 136 12.53 4.34 2.88
CA TYR B 136 12.88 5.72 2.61
C TYR B 136 14.14 5.76 1.77
N LEU B 137 15.10 4.90 2.09
CA LEU B 137 16.36 4.88 1.37
C LEU B 137 16.19 4.43 -0.07
N VAL B 138 15.33 3.45 -0.29
CA VAL B 138 15.10 2.98 -1.63
C VAL B 138 14.53 4.10 -2.48
N LEU B 139 13.60 4.86 -1.90
CA LEU B 139 12.95 5.97 -2.60
C LEU B 139 13.88 7.11 -2.90
N VAL B 140 14.77 7.41 -1.95
CA VAL B 140 15.65 8.54 -2.07
C VAL B 140 17.10 8.26 -2.47
N PHE B 141 17.53 7.03 -2.28
CA PHE B 141 18.91 6.66 -2.58
C PHE B 141 19.11 5.54 -3.60
N VAL B 142 18.62 4.35 -3.32
CA VAL B 142 18.80 3.23 -4.24
C VAL B 142 18.16 3.44 -5.59
N ARG B 143 16.85 3.59 -5.63
CA ARG B 143 16.15 3.80 -6.89
C ARG B 143 16.82 4.87 -7.71
N PRO B 144 17.00 6.07 -7.15
CA PRO B 144 17.65 7.12 -7.95
C PRO B 144 19.04 6.71 -8.44
N LEU B 145 19.63 5.71 -7.79
CA LEU B 145 20.96 5.25 -8.19
C LEU B 145 20.81 4.36 -9.41
N LEU B 146 20.01 3.32 -9.29
CA LEU B 146 19.77 2.41 -10.40
C LEU B 146 19.34 3.17 -11.65
N MET B 147 18.70 4.31 -11.47
CA MET B 147 18.23 5.10 -12.61
C MET B 147 19.26 6.06 -13.15
N GLY B 148 20.24 6.41 -12.34
CA GLY B 148 21.28 7.31 -12.81
C GLY B 148 21.16 8.78 -12.46
N ALA B 149 20.29 9.14 -11.52
CA ALA B 149 20.13 10.56 -11.17
C ALA B 149 19.38 10.78 -9.86
N TRP B 150 19.83 11.78 -9.10
CA TRP B 150 19.22 12.10 -7.80
C TRP B 150 17.87 12.77 -7.97
N GLY B 151 17.66 13.38 -9.13
CA GLY B 151 16.39 14.04 -9.38
C GLY B 151 15.21 13.08 -9.33
N HIS B 152 15.48 11.78 -9.40
CA HIS B 152 14.41 10.81 -9.34
C HIS B 152 13.83 10.67 -7.97
N GLY B 153 14.42 11.35 -7.00
CA GLY B 153 13.90 11.27 -5.64
C GLY B 153 12.68 12.13 -5.50
N PHE B 154 11.86 11.82 -4.50
CA PHE B 154 10.65 12.60 -4.29
C PHE B 154 10.99 13.88 -3.55
N PRO B 155 10.26 14.97 -3.81
CA PRO B 155 10.46 16.29 -3.19
C PRO B 155 9.97 16.35 -1.76
N TYR B 156 10.48 17.30 -1.00
CA TYR B 156 10.08 17.47 0.39
C TYR B 156 9.13 18.62 0.55
N GLY B 157 7.85 18.28 0.55
CA GLY B 157 6.79 19.24 0.71
C GLY B 157 5.58 18.45 1.11
N ILE B 158 4.79 18.96 2.04
CA ILE B 158 3.62 18.25 2.52
C ILE B 158 2.71 17.77 1.40
N LEU B 159 2.41 18.62 0.43
CA LEU B 159 1.56 18.20 -0.67
C LEU B 159 2.28 17.99 -1.96
N SER B 160 3.41 18.66 -2.12
CA SER B 160 4.18 18.54 -3.32
C SER B 160 4.64 17.10 -3.52
N HIS B 161 4.89 16.37 -2.44
CA HIS B 161 5.32 14.98 -2.62
C HIS B 161 4.16 14.10 -3.09
N LEU B 162 2.94 14.54 -2.83
CA LEU B 162 1.78 13.81 -3.27
C LEU B 162 1.66 14.00 -4.77
N ASP B 163 2.17 15.14 -5.24
CA ASP B 163 2.16 15.45 -6.65
C ASP B 163 3.16 14.56 -7.35
N TRP B 164 4.20 14.18 -6.63
CA TRP B 164 5.24 13.33 -7.16
C TRP B 164 4.72 11.91 -7.33
N VAL B 165 4.16 11.38 -6.26
CA VAL B 165 3.62 10.05 -6.29
C VAL B 165 2.66 9.92 -7.45
N SER B 166 1.78 10.89 -7.60
CA SER B 166 0.79 10.88 -8.68
C SER B 166 1.44 10.81 -10.03
N ASN B 167 2.35 11.73 -10.33
CA ASN B 167 2.98 11.72 -11.64
C ASN B 167 3.92 10.57 -11.91
N VAL B 168 4.48 9.93 -10.88
CA VAL B 168 5.37 8.79 -11.10
C VAL B 168 4.57 7.53 -11.39
N GLY B 169 3.43 7.38 -10.73
CA GLY B 169 2.59 6.24 -10.97
C GLY B 169 1.96 6.26 -12.34
N TYR B 170 1.36 7.38 -12.71
CA TYR B 170 0.72 7.52 -14.01
C TYR B 170 1.69 7.46 -15.17
N GLN B 171 2.98 7.42 -14.88
CA GLN B 171 3.95 7.31 -15.95
C GLN B 171 3.77 5.92 -16.49
N PHE B 172 3.19 5.07 -15.64
CA PHE B 172 2.94 3.69 -15.97
C PHE B 172 1.49 3.49 -16.36
N LEU B 173 0.80 4.58 -16.65
CA LEU B 173 -0.59 4.55 -17.08
C LEU B 173 -1.58 4.14 -16.02
N HIS B 174 -1.36 2.96 -15.43
CA HIS B 174 -2.24 2.40 -14.42
C HIS B 174 -1.38 1.68 -13.37
N PHE B 175 -0.86 2.42 -12.39
CA PHE B 175 0.00 1.84 -11.38
C PHE B 175 -0.67 0.70 -10.61
N HIS B 176 -1.97 0.78 -10.40
CA HIS B 176 -2.66 -0.29 -9.69
C HIS B 176 -2.31 -1.68 -10.21
N TYR B 177 -1.84 -1.77 -11.43
CA TYR B 177 -1.50 -3.06 -12.00
C TYR B 177 -0.13 -3.60 -11.64
N ASN B 178 0.61 -2.85 -10.85
CA ASN B 178 1.93 -3.29 -10.41
C ASN B 178 1.65 -4.43 -9.46
N PRO B 179 2.16 -5.63 -9.76
CA PRO B 179 1.92 -6.79 -8.90
C PRO B 179 2.55 -6.69 -7.52
N ALA B 180 3.71 -6.07 -7.39
CA ALA B 180 4.33 -5.96 -6.08
C ALA B 180 3.47 -5.01 -5.25
N HIS B 181 2.93 -4.01 -5.95
CA HIS B 181 2.06 -2.97 -5.38
C HIS B 181 0.81 -3.61 -4.83
N MET B 182 0.23 -4.53 -5.59
CA MET B 182 -0.97 -5.20 -5.13
C MET B 182 -0.63 -5.96 -3.85
N LEU B 183 0.55 -6.53 -3.76
CA LEU B 183 0.97 -7.29 -2.59
C LEU B 183 1.06 -6.41 -1.36
N ALA B 184 1.83 -5.34 -1.48
CA ALA B 184 2.02 -4.39 -0.39
C ALA B 184 0.72 -3.86 0.18
N ILE B 185 -0.21 -3.51 -0.70
CA ILE B 185 -1.51 -2.99 -0.31
C ILE B 185 -2.27 -4.01 0.50
N SER B 186 -2.17 -5.25 0.07
CA SER B 186 -2.84 -6.34 0.74
C SER B 186 -2.28 -6.45 2.13
N PHE B 187 -0.97 -6.24 2.26
CA PHE B 187 -0.35 -6.31 3.56
C PHE B 187 -0.81 -5.13 4.39
N PHE B 188 -0.76 -3.93 3.83
CA PHE B 188 -1.22 -2.76 4.54
C PHE B 188 -2.64 -2.94 5.01
N PHE B 189 -3.47 -3.52 4.16
CA PHE B 189 -4.86 -3.75 4.49
C PHE B 189 -5.00 -4.82 5.55
N THR B 190 -4.38 -5.97 5.32
CA THR B 190 -4.46 -7.07 6.25
C THR B 190 -3.96 -6.66 7.62
N ASN B 191 -2.88 -5.91 7.66
CA ASN B 191 -2.33 -5.45 8.93
C ASN B 191 -3.35 -4.65 9.71
N CYS B 192 -3.94 -3.69 9.00
CA CYS B 192 -4.93 -2.82 9.61
C CYS B 192 -6.06 -3.62 10.17
N LEU B 193 -6.34 -4.76 9.56
CA LEU B 193 -7.42 -5.62 10.01
C LEU B 193 -6.97 -6.34 11.29
N ALA B 194 -5.79 -6.94 11.22
CA ALA B 194 -5.23 -7.67 12.35
C ALA B 194 -5.08 -6.75 13.54
N LEU B 195 -4.52 -5.58 13.31
CA LEU B 195 -4.33 -4.62 14.38
C LEU B 195 -5.63 -4.37 15.10
N SER B 196 -6.69 -4.09 14.35
CA SER B 196 -8.01 -3.83 14.92
C SER B 196 -8.53 -5.07 15.62
N MET B 197 -8.14 -6.23 15.14
CA MET B 197 -8.57 -7.47 15.75
C MET B 197 -7.86 -7.68 17.06
N HIS B 198 -6.56 -7.41 17.08
CA HIS B 198 -5.75 -7.56 18.30
C HIS B 198 -6.25 -6.57 19.32
N GLY B 199 -6.33 -5.31 18.92
CA GLY B 199 -6.79 -4.28 19.83
C GLY B 199 -8.04 -4.77 20.50
N SER B 200 -9.10 -4.94 19.71
CA SER B 200 -10.39 -5.41 20.19
C SER B 200 -10.36 -6.58 21.15
N LEU B 201 -9.61 -7.62 20.83
CA LEU B 201 -9.57 -8.80 21.67
C LEU B 201 -9.11 -8.56 23.08
N ILE B 202 -7.98 -7.89 23.24
CA ILE B 202 -7.45 -7.62 24.57
C ILE B 202 -8.40 -6.81 25.45
N LEU B 203 -8.85 -5.67 24.93
CA LEU B 203 -9.74 -4.81 25.69
C LEU B 203 -11.07 -5.49 25.99
N SER B 204 -11.40 -6.50 25.21
CA SER B 204 -12.66 -7.20 25.40
C SER B 204 -12.57 -8.17 26.54
N VAL B 205 -11.35 -8.59 26.84
CA VAL B 205 -11.10 -9.53 27.94
C VAL B 205 -10.69 -8.81 29.22
N THR B 206 -9.85 -7.80 29.07
CA THR B 206 -9.44 -7.08 30.25
C THR B 206 -10.60 -6.21 30.69
N ASN B 207 -11.59 -6.07 29.83
CA ASN B 207 -12.78 -5.27 30.15
C ASN B 207 -13.96 -6.00 29.52
N PRO B 208 -14.63 -6.88 30.28
CA PRO B 208 -15.79 -7.63 29.75
C PRO B 208 -17.14 -7.00 30.13
N GLN B 209 -18.23 -7.73 29.89
CA GLN B 209 -19.57 -7.22 30.22
C GLN B 209 -19.67 -6.98 31.73
N ARG B 210 -20.52 -6.04 32.16
CA ARG B 210 -20.61 -5.75 33.57
C ARG B 210 -20.98 -6.96 34.38
N GLY B 211 -20.40 -7.07 35.58
CA GLY B 211 -20.68 -8.21 36.42
C GLY B 211 -19.59 -9.23 36.25
N GLU B 212 -19.20 -9.49 35.01
CA GLU B 212 -18.16 -10.47 34.73
C GLU B 212 -16.81 -10.03 35.24
N PRO B 213 -15.93 -10.99 35.54
CA PRO B 213 -14.59 -10.75 36.04
C PRO B 213 -13.64 -10.78 34.87
N VAL B 214 -12.43 -10.26 35.05
CA VAL B 214 -11.46 -10.26 33.98
C VAL B 214 -11.38 -11.64 33.36
N LYS B 215 -11.44 -11.68 32.03
CA LYS B 215 -11.40 -12.93 31.29
C LYS B 215 -10.02 -13.53 31.18
N THR B 216 -9.92 -14.67 30.51
CA THR B 216 -8.67 -15.39 30.43
C THR B 216 -8.24 -15.67 29.01
N SER B 217 -7.03 -16.19 28.90
CA SER B 217 -6.47 -16.53 27.61
C SER B 217 -7.27 -17.58 26.90
N GLU B 218 -7.87 -18.49 27.68
CA GLU B 218 -8.68 -19.54 27.10
C GLU B 218 -9.85 -18.90 26.38
N HIS B 219 -10.41 -17.85 26.99
CA HIS B 219 -11.52 -17.13 26.39
C HIS B 219 -11.06 -16.60 25.05
N GLU B 220 -9.95 -15.85 25.06
CA GLU B 220 -9.37 -15.29 23.84
C GLU B 220 -9.47 -16.32 22.75
N ASN B 221 -8.77 -17.43 22.96
CA ASN B 221 -8.78 -18.52 22.00
C ASN B 221 -10.14 -19.15 21.78
N THR B 222 -10.97 -19.23 22.80
CA THR B 222 -12.30 -19.82 22.64
C THR B 222 -13.18 -18.99 21.73
N PHE B 223 -12.93 -17.68 21.73
CA PHE B 223 -13.68 -16.74 20.91
C PHE B 223 -13.19 -16.81 19.49
N PHE B 224 -11.89 -16.61 19.33
CA PHE B 224 -11.27 -16.66 18.03
C PHE B 224 -11.39 -18.02 17.38
N ARG B 225 -11.64 -19.05 18.16
CA ARG B 225 -11.82 -20.37 17.59
C ARG B 225 -13.29 -20.48 17.24
N ASP B 226 -14.12 -19.82 18.04
CA ASP B 226 -15.55 -19.82 17.80
C ASP B 226 -15.88 -19.14 16.48
N ILE B 227 -15.38 -17.92 16.31
CA ILE B 227 -15.65 -17.16 15.09
C ILE B 227 -15.10 -17.75 13.80
N VAL B 228 -13.80 -18.06 13.79
CA VAL B 228 -13.18 -18.60 12.59
C VAL B 228 -12.47 -19.94 12.75
N GLY B 229 -12.79 -20.67 13.82
CA GLY B 229 -12.19 -21.98 14.05
C GLY B 229 -10.69 -22.04 14.21
N TYR B 230 -10.11 -20.98 14.73
CA TYR B 230 -8.67 -20.96 14.92
C TYR B 230 -8.28 -19.74 15.68
N SER B 231 -7.19 -19.84 16.43
CA SER B 231 -6.68 -18.74 17.20
C SER B 231 -5.21 -18.96 17.20
N ILE B 232 -4.47 -17.96 16.75
CA ILE B 232 -3.02 -18.04 16.65
C ILE B 232 -2.31 -17.86 17.99
N GLY B 233 -3.02 -17.34 19.00
CA GLY B 233 -2.42 -17.15 20.31
C GLY B 233 -1.63 -15.87 20.56
N ALA B 234 -1.67 -15.42 21.82
CA ALA B 234 -0.99 -14.22 22.30
C ALA B 234 0.38 -13.94 21.73
N LEU B 235 1.31 -14.84 21.99
CA LEU B 235 2.65 -14.65 21.49
C LEU B 235 2.60 -14.33 20.00
N ALA B 236 2.26 -15.34 19.20
CA ALA B 236 2.19 -15.25 17.75
C ALA B 236 1.47 -14.10 17.08
N ILE B 237 0.36 -13.66 17.65
CA ILE B 237 -0.36 -12.55 17.02
C ILE B 237 0.48 -11.31 17.01
N HIS B 238 1.38 -11.19 17.98
CA HIS B 238 2.28 -10.06 18.02
C HIS B 238 3.35 -10.37 17.00
N ARG B 239 3.56 -11.66 16.78
CA ARG B 239 4.54 -12.14 15.82
C ARG B 239 4.01 -11.88 14.42
N LEU B 240 2.72 -12.12 14.24
CA LEU B 240 2.04 -11.91 12.97
C LEU B 240 1.98 -10.45 12.60
N GLY B 241 1.41 -9.65 13.49
CA GLY B 241 1.30 -8.23 13.26
C GLY B 241 2.61 -7.61 12.82
N LEU B 242 3.71 -8.04 13.39
CA LEU B 242 4.99 -7.48 13.03
C LEU B 242 5.39 -7.92 11.64
N PHE B 243 4.93 -9.10 11.27
CA PHE B 243 5.23 -9.67 9.95
C PHE B 243 4.51 -8.89 8.88
N LEU B 244 3.21 -8.68 9.09
CA LEU B 244 2.41 -7.96 8.13
C LEU B 244 2.97 -6.57 7.89
N ALA B 245 3.17 -5.81 8.97
CA ALA B 245 3.66 -4.45 8.89
C ALA B 245 5.01 -4.32 8.26
N LEU B 246 5.94 -5.22 8.58
CA LEU B 246 7.26 -5.12 8.00
C LEU B 246 7.19 -5.49 6.54
N SER B 247 6.34 -6.46 6.23
CA SER B 247 6.14 -6.91 4.87
C SER B 247 5.54 -5.79 4.04
N ALA B 248 4.64 -5.00 4.63
CA ALA B 248 4.05 -3.89 3.91
C ALA B 248 5.17 -2.99 3.45
N ALA B 249 6.11 -2.71 4.33
CA ALA B 249 7.21 -1.84 4.00
C ALA B 249 8.12 -2.47 2.97
N PHE B 250 8.34 -3.77 3.08
CA PHE B 250 9.20 -4.46 2.15
C PHE B 250 8.67 -4.41 0.71
N TRP B 251 7.46 -4.92 0.53
CA TRP B 251 6.85 -4.95 -0.80
C TRP B 251 6.58 -3.57 -1.35
N SER B 252 6.55 -2.55 -0.50
CA SER B 252 6.36 -1.20 -0.97
C SER B 252 7.70 -0.82 -1.57
N ALA B 253 8.76 -1.23 -0.88
CA ALA B 253 10.12 -0.94 -1.31
C ALA B 253 10.44 -1.57 -2.63
N VAL B 254 9.96 -2.79 -2.86
CA VAL B 254 10.27 -3.42 -4.12
C VAL B 254 9.35 -2.91 -5.23
N CYS B 255 8.10 -2.61 -4.88
CA CYS B 255 7.16 -2.15 -5.87
C CYS B 255 7.63 -0.91 -6.58
N ILE B 256 8.20 0.03 -5.84
CA ILE B 256 8.70 1.21 -6.50
C ILE B 256 10.06 0.90 -7.10
N LEU B 257 10.80 0.00 -6.47
CA LEU B 257 12.13 -0.36 -6.92
C LEU B 257 12.12 -0.94 -8.30
N ILE B 258 11.10 -1.75 -8.57
CA ILE B 258 10.99 -2.36 -9.89
C ILE B 258 10.39 -1.40 -10.91
N SER B 259 9.84 -0.29 -10.44
CA SER B 259 9.20 0.68 -11.32
C SER B 259 10.13 1.71 -11.88
N GLY B 260 10.77 1.37 -12.99
CA GLY B 260 11.70 2.29 -13.61
C GLY B 260 13.00 1.56 -13.84
N PRO B 261 13.65 1.11 -12.77
CA PRO B 261 14.92 0.39 -12.86
C PRO B 261 14.76 -0.93 -13.59
N PHE B 262 13.75 -1.73 -13.25
CA PHE B 262 13.56 -3.02 -13.89
C PHE B 262 12.33 -3.23 -14.77
N TRP B 263 11.48 -2.21 -14.89
CA TRP B 263 10.27 -2.30 -15.71
C TRP B 263 10.01 -0.89 -16.19
N THR B 264 9.96 -0.71 -17.50
CA THR B 264 9.76 0.62 -18.08
C THR B 264 8.44 0.81 -18.81
N ARG B 265 7.85 -0.29 -19.25
CA ARG B 265 6.58 -0.22 -19.95
C ARG B 265 5.45 0.08 -18.98
N GLY B 266 4.23 0.20 -19.50
CA GLY B 266 3.10 0.45 -18.64
C GLY B 266 2.93 -0.78 -17.78
N TRP B 267 2.20 -0.66 -16.68
CA TRP B 267 2.02 -1.81 -15.83
C TRP B 267 0.97 -2.80 -16.26
N PRO B 268 -0.13 -2.34 -16.89
CA PRO B 268 -1.14 -3.33 -17.31
C PRO B 268 -0.52 -4.32 -18.29
N GLU B 269 0.43 -3.85 -19.09
CA GLU B 269 1.10 -4.68 -20.08
C GLU B 269 1.83 -5.86 -19.45
N TRP B 270 2.34 -5.66 -18.25
CA TRP B 270 3.06 -6.73 -17.58
C TRP B 270 2.22 -7.99 -17.55
N TRP B 271 0.93 -7.84 -17.28
CA TRP B 271 0.04 -8.99 -17.18
C TRP B 271 -0.16 -9.84 -18.41
N ASN B 272 0.51 -9.48 -19.50
CA ASN B 272 0.40 -10.21 -20.75
C ASN B 272 0.83 -11.63 -20.57
N TRP B 273 1.93 -11.84 -19.85
CA TRP B 273 2.46 -13.18 -19.62
C TRP B 273 1.36 -14.15 -19.21
N TRP B 274 0.25 -13.63 -18.69
CA TRP B 274 -0.84 -14.50 -18.29
C TRP B 274 -1.79 -14.77 -19.44
N LEU B 275 -1.83 -13.87 -20.41
CA LEU B 275 -2.72 -14.07 -21.54
C LEU B 275 -2.02 -14.87 -22.63
N GLU B 276 -0.73 -15.16 -22.41
CA GLU B 276 0.08 -15.89 -23.37
C GLU B 276 0.49 -17.28 -22.94
N LEU B 277 -0.01 -17.69 -21.78
CA LEU B 277 0.32 -19.01 -21.28
C LEU B 277 -0.11 -20.02 -22.32
N PRO B 278 0.56 -21.19 -22.33
CA PRO B 278 0.21 -22.23 -23.30
C PRO B 278 -1.03 -22.96 -22.82
N LEU B 279 -1.33 -22.87 -21.52
CA LEU B 279 -2.54 -23.50 -20.99
C LEU B 279 -3.67 -23.08 -21.90
N TRP B 280 -3.47 -21.93 -22.56
CA TRP B 280 -4.44 -21.39 -23.51
C TRP B 280 -3.64 -20.73 -24.65
N PRO C 1 24.03 -13.08 19.85
CA PRO C 1 23.08 -14.21 19.69
C PRO C 1 22.00 -14.11 20.73
N GLU C 2 20.83 -14.65 20.40
CA GLU C 2 19.70 -14.65 21.31
C GLU C 2 18.46 -15.08 20.58
N TYR C 3 17.68 -15.95 21.21
CA TYR C 3 16.42 -16.43 20.66
C TYR C 3 15.68 -15.14 20.33
N GLN C 4 14.95 -15.13 19.21
CA GLN C 4 14.22 -13.95 18.79
C GLN C 4 12.73 -14.07 19.03
N ASN C 5 12.30 -15.27 19.41
CA ASN C 5 10.90 -15.57 19.67
C ASN C 5 10.05 -15.43 18.42
N ILE C 6 10.60 -15.90 17.31
CA ILE C 6 9.96 -15.88 16.00
C ILE C 6 9.38 -17.26 15.75
N PHE C 7 10.23 -18.28 15.94
CA PHE C 7 9.85 -19.68 15.74
C PHE C 7 10.07 -20.58 16.92
N THR C 8 8.98 -21.11 17.46
CA THR C 8 9.04 -22.05 18.57
C THR C 8 10.01 -23.17 18.18
N ALA C 9 11.09 -23.36 18.91
CA ALA C 9 12.04 -24.42 18.56
C ALA C 9 11.65 -25.79 19.09
N VAL C 10 10.79 -25.81 20.11
CA VAL C 10 10.33 -27.05 20.72
C VAL C 10 8.89 -26.82 21.15
N GLN C 11 7.95 -27.57 20.58
CA GLN C 11 6.53 -27.44 20.89
C GLN C 11 6.12 -28.52 21.89
N VAL C 12 4.88 -28.46 22.37
CA VAL C 12 4.41 -29.45 23.32
C VAL C 12 2.94 -29.62 23.08
N ARG C 13 2.43 -30.82 23.36
CA ARG C 13 1.02 -31.13 23.14
C ARG C 13 0.27 -31.47 24.40
N ALA C 14 -1.04 -31.30 24.35
CA ALA C 14 -1.94 -31.61 25.46
C ALA C 14 -3.26 -31.89 24.76
N PRO C 15 -4.22 -32.54 25.45
CA PRO C 15 -5.48 -32.79 24.74
C PRO C 15 -6.01 -31.45 24.20
N ALA C 16 -6.53 -31.49 22.98
CA ALA C 16 -7.06 -30.28 22.34
C ALA C 16 -7.98 -29.55 23.31
N TYR C 17 -8.19 -28.26 23.05
CA TYR C 17 -9.03 -27.48 23.93
C TYR C 17 -10.36 -27.15 23.31
N PRO C 18 -11.46 -27.70 23.85
CA PRO C 18 -12.82 -27.49 23.35
C PRO C 18 -13.36 -26.09 23.67
N GLY C 19 -12.63 -25.34 24.48
CA GLY C 19 -13.08 -23.99 24.80
C GLY C 19 -13.91 -23.84 26.05
N VAL C 20 -14.14 -22.59 26.43
CA VAL C 20 -14.92 -22.26 27.61
C VAL C 20 -16.36 -22.70 27.36
N PRO C 21 -17.08 -23.10 28.42
CA PRO C 21 -18.48 -23.53 28.26
C PRO C 21 -19.37 -22.32 28.02
N LEU C 22 -20.24 -22.44 27.03
CA LEU C 22 -21.17 -21.37 26.65
C LEU C 22 -22.44 -21.54 27.45
N PRO C 23 -23.15 -20.46 27.73
CA PRO C 23 -24.38 -20.50 28.50
C PRO C 23 -25.67 -21.03 27.88
N LYS C 24 -26.77 -20.42 28.30
CA LYS C 24 -28.11 -20.79 27.90
C LYS C 24 -28.51 -20.55 26.45
N GLY C 25 -28.45 -21.60 25.65
CA GLY C 25 -28.85 -21.46 24.25
C GLY C 25 -27.71 -21.32 23.29
N ASN C 26 -26.86 -22.33 23.24
CA ASN C 26 -25.71 -22.31 22.33
C ASN C 26 -25.47 -23.76 21.96
N LEU C 27 -25.85 -24.11 20.74
CA LEU C 27 -25.69 -25.47 20.25
C LEU C 27 -24.28 -25.97 20.53
N PRO C 28 -24.08 -27.28 20.46
CA PRO C 28 -22.77 -27.91 20.67
C PRO C 28 -21.73 -27.19 19.83
N ARG C 29 -20.49 -27.66 19.87
CA ARG C 29 -19.42 -27.02 19.10
C ARG C 29 -18.88 -28.02 18.09
N ILE C 30 -19.45 -28.00 16.88
CA ILE C 30 -19.04 -28.93 15.84
C ILE C 30 -17.53 -28.95 15.61
N GLY C 31 -17.09 -29.85 14.74
CA GLY C 31 -15.68 -29.98 14.44
C GLY C 31 -14.95 -30.53 15.62
N ARG C 32 -13.87 -31.28 15.37
CA ARG C 32 -13.05 -31.84 16.44
C ARG C 32 -11.62 -31.52 16.04
N PRO C 33 -10.86 -30.87 16.94
CA PRO C 33 -9.47 -30.43 16.77
C PRO C 33 -8.51 -31.35 16.06
N ILE C 34 -7.44 -30.74 15.60
CA ILE C 34 -6.39 -31.43 14.88
C ILE C 34 -5.21 -30.50 15.15
N PHE C 35 -4.00 -30.98 14.95
CA PHE C 35 -2.81 -30.16 15.19
C PHE C 35 -1.99 -30.17 13.92
N SER C 36 -0.92 -29.38 13.88
CA SER C 36 -0.06 -29.35 12.71
C SER C 36 1.27 -28.82 13.15
N TYR C 37 2.23 -29.71 13.33
CA TYR C 37 3.58 -29.34 13.77
C TYR C 37 4.10 -28.05 13.18
N TRP C 38 3.63 -27.70 11.98
CA TRP C 38 4.11 -26.49 11.32
C TRP C 38 3.41 -25.22 11.70
N LEU C 39 2.11 -25.26 11.87
CA LEU C 39 1.42 -24.06 12.29
C LEU C 39 2.09 -23.76 13.61
N GLY C 40 2.31 -24.82 14.38
CA GLY C 40 2.95 -24.70 15.68
C GLY C 40 4.28 -23.99 15.64
N LYS C 41 4.98 -24.04 14.51
CA LYS C 41 6.26 -23.37 14.42
C LYS C 41 6.10 -21.87 14.60
N ILE C 42 4.95 -21.35 14.20
CA ILE C 42 4.73 -19.92 14.33
C ILE C 42 3.55 -19.59 15.22
N GLY C 43 2.74 -20.57 15.59
CA GLY C 43 1.62 -20.26 16.46
C GLY C 43 0.96 -21.48 17.04
N ASP C 44 -0.09 -21.26 17.81
CA ASP C 44 -0.84 -22.35 18.43
C ASP C 44 -1.18 -23.32 17.32
N ALA C 45 -0.74 -24.57 17.44
CA ALA C 45 -0.99 -25.57 16.43
C ALA C 45 -2.39 -26.18 16.43
N GLN C 46 -3.18 -25.92 17.47
CA GLN C 46 -4.51 -26.49 17.48
C GLN C 46 -5.39 -25.84 16.43
N ILE C 47 -5.99 -26.65 15.59
CA ILE C 47 -6.92 -26.17 14.58
C ILE C 47 -8.13 -26.84 15.16
N GLY C 48 -9.10 -26.07 15.63
CA GLY C 48 -10.21 -26.74 16.26
C GLY C 48 -11.65 -26.35 16.09
N PRO C 49 -12.43 -26.60 17.15
CA PRO C 49 -13.87 -26.35 17.27
C PRO C 49 -14.36 -25.02 16.69
N ILE C 50 -15.37 -25.11 15.84
CA ILE C 50 -15.96 -23.93 15.24
C ILE C 50 -17.39 -23.93 15.76
N TYR C 51 -17.99 -22.76 15.90
CA TYR C 51 -19.36 -22.71 16.34
C TYR C 51 -20.17 -22.33 15.12
N LEU C 52 -21.33 -22.96 14.95
CA LEU C 52 -22.21 -22.70 13.80
C LEU C 52 -23.68 -22.69 14.22
N GLY C 53 -24.26 -21.51 14.37
CA GLY C 53 -25.65 -21.44 14.75
C GLY C 53 -26.48 -21.18 13.51
N LEU C 54 -27.65 -20.62 13.70
CA LEU C 54 -28.49 -20.30 12.56
C LEU C 54 -27.77 -19.23 11.79
N THR C 55 -27.51 -18.14 12.50
CA THR C 55 -26.84 -16.98 11.94
C THR C 55 -25.66 -17.31 11.05
N GLY C 56 -24.59 -17.82 11.64
CA GLY C 56 -23.41 -18.15 10.87
C GLY C 56 -23.62 -18.99 9.64
N THR C 57 -24.52 -19.97 9.71
CA THR C 57 -24.76 -20.83 8.56
C THR C 57 -25.55 -20.07 7.51
N LEU C 58 -26.51 -19.31 8.00
CA LEU C 58 -27.38 -18.47 7.19
C LEU C 58 -26.51 -17.44 6.50
N SER C 59 -25.28 -17.30 6.99
CA SER C 59 -24.37 -16.33 6.42
C SER C 59 -23.49 -16.91 5.36
N ILE C 60 -23.04 -18.14 5.55
CA ILE C 60 -22.20 -18.76 4.53
C ILE C 60 -23.05 -18.97 3.27
N PHE C 61 -24.28 -19.45 3.46
CA PHE C 61 -25.16 -19.68 2.33
C PHE C 61 -25.32 -18.40 1.52
N PHE C 62 -26.04 -17.41 2.05
CA PHE C 62 -26.24 -16.14 1.34
C PHE C 62 -24.92 -15.67 0.75
N GLY C 63 -23.86 -15.78 1.56
CA GLY C 63 -22.54 -15.35 1.13
C GLY C 63 -22.04 -16.08 -0.09
N LEU C 64 -22.33 -17.37 -0.18
CA LEU C 64 -21.91 -18.13 -1.35
C LEU C 64 -22.80 -17.80 -2.53
N VAL C 65 -24.06 -17.45 -2.26
CA VAL C 65 -24.99 -17.10 -3.33
C VAL C 65 -24.47 -15.90 -4.10
N ALA C 66 -24.19 -14.82 -3.38
CA ALA C 66 -23.69 -13.61 -4.00
C ALA C 66 -22.43 -13.89 -4.77
N ILE C 67 -21.54 -14.69 -4.19
CA ILE C 67 -20.31 -15.04 -4.86
C ILE C 67 -20.65 -15.84 -6.10
N SER C 68 -21.74 -16.62 -6.01
CA SER C 68 -22.19 -17.43 -7.14
C SER C 68 -22.78 -16.56 -8.24
N ILE C 69 -23.65 -15.64 -7.86
CA ILE C 69 -24.26 -14.75 -8.83
C ILE C 69 -23.16 -14.02 -9.57
N ILE C 70 -22.13 -13.61 -8.84
CA ILE C 70 -21.03 -12.90 -9.46
C ILE C 70 -20.33 -13.72 -10.52
N GLY C 71 -19.99 -14.97 -10.19
CA GLY C 71 -19.28 -15.84 -11.12
C GLY C 71 -20.01 -16.24 -12.39
N PHE C 72 -21.22 -16.76 -12.26
CA PHE C 72 -21.95 -17.17 -13.45
C PHE C 72 -21.99 -16.00 -14.41
N ASN C 73 -22.22 -14.82 -13.87
CA ASN C 73 -22.25 -13.62 -14.68
C ASN C 73 -20.96 -13.48 -15.42
N MET C 74 -19.86 -13.69 -14.71
CA MET C 74 -18.54 -13.61 -15.30
C MET C 74 -18.42 -14.70 -16.35
N LEU C 75 -19.09 -15.83 -16.11
CA LEU C 75 -19.04 -16.93 -17.06
C LEU C 75 -19.86 -16.55 -18.27
N ALA C 76 -20.95 -15.83 -18.01
CA ALA C 76 -21.86 -15.41 -19.06
C ALA C 76 -21.26 -14.38 -19.99
N SER C 77 -20.47 -13.46 -19.42
CA SER C 77 -19.86 -12.37 -20.17
C SER C 77 -18.76 -12.81 -21.12
N VAL C 78 -18.23 -14.01 -20.89
CA VAL C 78 -17.18 -14.53 -21.75
C VAL C 78 -17.74 -15.67 -22.61
N HIS C 79 -19.08 -15.72 -22.67
CA HIS C 79 -19.82 -16.71 -23.47
C HIS C 79 -19.94 -18.13 -22.90
N TRP C 80 -19.66 -18.29 -21.61
CA TRP C 80 -19.77 -19.59 -20.97
C TRP C 80 -18.69 -20.62 -21.29
N ASP C 81 -17.55 -20.16 -21.81
CA ASP C 81 -16.44 -21.04 -22.13
C ASP C 81 -15.55 -20.98 -20.88
N VAL C 82 -15.53 -22.06 -20.08
CA VAL C 82 -14.73 -22.07 -18.85
C VAL C 82 -13.22 -21.96 -19.10
N PHE C 83 -12.81 -22.07 -20.34
CA PHE C 83 -11.41 -21.97 -20.69
C PHE C 83 -11.13 -20.48 -20.71
N GLN C 84 -11.98 -19.75 -21.43
CA GLN C 84 -11.90 -18.30 -21.59
C GLN C 84 -12.15 -17.60 -20.24
N PHE C 85 -13.08 -18.13 -19.46
CA PHE C 85 -13.42 -17.57 -18.16
C PHE C 85 -12.18 -17.63 -17.28
N LEU C 86 -11.50 -18.76 -17.32
CA LEU C 86 -10.30 -18.90 -16.54
C LEU C 86 -9.20 -18.01 -17.06
N LYS C 87 -9.06 -17.90 -18.38
CA LYS C 87 -8.02 -17.08 -18.98
C LYS C 87 -8.12 -15.59 -18.68
N HIS C 88 -9.33 -15.05 -18.68
CA HIS C 88 -9.54 -13.63 -18.47
C HIS C 88 -10.11 -13.25 -17.12
N PHE C 89 -10.28 -14.23 -16.25
CA PHE C 89 -10.86 -14.01 -14.93
C PHE C 89 -10.52 -12.69 -14.23
N PHE C 90 -9.27 -12.27 -14.30
CA PHE C 90 -8.85 -11.04 -13.64
C PHE C 90 -9.57 -9.83 -14.14
N TRP C 91 -9.87 -9.82 -15.43
CA TRP C 91 -10.54 -8.69 -16.04
C TRP C 91 -12.05 -8.80 -15.99
N LEU C 92 -12.57 -9.92 -15.52
CA LEU C 92 -14.01 -10.07 -15.48
C LEU C 92 -14.65 -9.34 -14.32
N GLY C 93 -15.96 -9.15 -14.40
CA GLY C 93 -16.68 -8.48 -13.34
C GLY C 93 -18.14 -8.32 -13.66
N LEU C 94 -18.91 -7.98 -12.63
CA LEU C 94 -20.33 -7.76 -12.76
C LEU C 94 -20.55 -6.30 -12.36
N GLU C 95 -20.72 -5.43 -13.34
CA GLU C 95 -20.89 -4.01 -13.13
C GLU C 95 -22.22 -3.63 -12.53
N PRO C 96 -22.32 -2.44 -11.91
CA PRO C 96 -23.57 -1.97 -11.30
C PRO C 96 -24.52 -1.37 -12.35
N PRO C 97 -25.82 -1.21 -12.00
CA PRO C 97 -26.80 -0.65 -12.93
C PRO C 97 -26.25 0.56 -13.68
N PRO C 98 -26.67 0.77 -14.94
CA PRO C 98 -26.20 1.91 -15.73
C PRO C 98 -26.94 3.14 -15.25
N PRO C 99 -26.42 4.34 -15.55
CA PRO C 99 -27.08 5.57 -15.12
C PRO C 99 -28.52 5.74 -15.54
N GLN C 100 -28.86 5.22 -16.72
CA GLN C 100 -30.22 5.35 -17.22
C GLN C 100 -31.26 5.02 -16.19
N TYR C 101 -30.93 4.12 -15.26
CA TYR C 101 -31.88 3.70 -14.25
C TYR C 101 -32.04 4.50 -12.96
N GLY C 102 -31.10 5.37 -12.65
CA GLY C 102 -31.24 6.09 -11.39
C GLY C 102 -31.25 5.02 -10.30
N LEU C 103 -32.33 4.94 -9.54
CA LEU C 103 -32.40 3.93 -8.51
C LEU C 103 -33.50 2.95 -8.82
N ARG C 104 -34.05 3.02 -10.02
CA ARG C 104 -35.11 2.10 -10.41
C ARG C 104 -34.48 0.72 -10.35
N ILE C 105 -35.30 -0.31 -10.17
CA ILE C 105 -34.77 -1.67 -10.12
C ILE C 105 -34.81 -2.21 -11.54
N PRO C 106 -33.64 -2.45 -12.15
CA PRO C 106 -33.60 -2.96 -13.52
C PRO C 106 -33.68 -4.46 -13.63
N PRO C 107 -33.94 -4.95 -14.84
CA PRO C 107 -34.05 -6.39 -15.05
C PRO C 107 -32.74 -7.05 -14.65
N LEU C 108 -32.82 -8.30 -14.26
CA LEU C 108 -31.65 -9.03 -13.83
C LEU C 108 -30.47 -8.78 -14.74
N SER C 109 -30.62 -9.05 -16.02
CA SER C 109 -29.49 -8.89 -16.94
C SER C 109 -29.05 -7.45 -17.14
N GLU C 110 -29.77 -6.48 -16.59
CA GLU C 110 -29.37 -5.09 -16.75
C GLU C 110 -29.04 -4.45 -15.42
N GLY C 111 -28.37 -5.20 -14.56
CA GLY C 111 -27.99 -4.67 -13.27
C GLY C 111 -28.71 -5.30 -12.11
N GLY C 112 -29.90 -5.84 -12.34
CA GLY C 112 -30.63 -6.47 -11.26
C GLY C 112 -29.78 -7.53 -10.58
N TRP C 113 -28.88 -8.15 -11.35
CA TRP C 113 -27.98 -9.18 -10.83
C TRP C 113 -26.99 -8.57 -9.85
N TRP C 114 -26.48 -7.38 -10.16
CA TRP C 114 -25.53 -6.70 -9.28
C TRP C 114 -26.23 -6.46 -7.97
N LEU C 115 -27.43 -5.90 -8.04
CA LEU C 115 -28.21 -5.60 -6.85
C LEU C 115 -28.48 -6.85 -6.04
N ILE C 116 -28.55 -8.00 -6.70
CA ILE C 116 -28.83 -9.26 -6.01
C ILE C 116 -27.55 -9.78 -5.35
N ALA C 117 -26.41 -9.56 -5.99
CA ALA C 117 -25.15 -9.98 -5.41
C ALA C 117 -24.84 -9.01 -4.28
N GLY C 118 -25.29 -7.78 -4.44
CA GLY C 118 -25.06 -6.79 -3.42
C GLY C 118 -25.96 -7.07 -2.24
N LEU C 119 -27.23 -7.34 -2.55
CA LEU C 119 -28.21 -7.63 -1.52
C LEU C 119 -27.74 -8.79 -0.65
N PHE C 120 -27.42 -9.90 -1.29
CA PHE C 120 -27.01 -11.08 -0.57
C PHE C 120 -25.65 -10.94 0.12
N LEU C 121 -24.71 -10.22 -0.50
CA LEU C 121 -23.41 -10.06 0.13
C LEU C 121 -23.60 -9.31 1.43
N THR C 122 -24.17 -8.11 1.35
CA THR C 122 -24.41 -7.32 2.54
C THR C 122 -25.09 -8.18 3.58
N LEU C 123 -26.11 -8.90 3.15
CA LEU C 123 -26.86 -9.78 4.04
C LEU C 123 -25.96 -10.77 4.76
N SER C 124 -25.02 -11.36 4.02
CA SER C 124 -24.12 -12.32 4.62
C SER C 124 -23.16 -11.61 5.53
N ILE C 125 -22.81 -10.38 5.18
CA ILE C 125 -21.89 -9.59 5.99
C ILE C 125 -22.59 -9.17 7.25
N LEU C 126 -23.71 -8.47 7.11
CA LEU C 126 -24.46 -8.05 8.27
C LEU C 126 -24.81 -9.22 9.16
N LEU C 127 -24.67 -10.45 8.65
CA LEU C 127 -24.96 -11.65 9.44
C LEU C 127 -23.74 -12.17 10.17
N TRP C 128 -22.57 -12.05 9.54
CA TRP C 128 -21.35 -12.51 10.20
C TRP C 128 -21.12 -11.57 11.37
N TRP C 129 -21.56 -10.33 11.21
CA TRP C 129 -21.43 -9.32 12.26
C TRP C 129 -22.14 -9.87 13.47
N VAL C 130 -23.44 -10.04 13.34
CA VAL C 130 -24.28 -10.59 14.39
C VAL C 130 -23.59 -11.83 14.93
N ARG C 131 -23.09 -12.68 14.03
CA ARG C 131 -22.38 -13.88 14.44
C ARG C 131 -21.33 -13.47 15.47
N THR C 132 -20.40 -12.60 15.07
CA THR C 132 -19.34 -12.17 15.97
C THR C 132 -19.86 -11.46 17.20
N TYR C 133 -21.13 -11.09 17.22
CA TYR C 133 -21.69 -10.41 18.37
C TYR C 133 -22.19 -11.43 19.35
N LYS C 134 -22.79 -12.49 18.82
CA LYS C 134 -23.27 -13.54 19.70
C LYS C 134 -22.08 -14.13 20.40
N ARG C 135 -21.18 -14.72 19.62
CA ARG C 135 -20.00 -15.38 20.14
C ARG C 135 -19.20 -14.67 21.21
N ALA C 136 -19.33 -13.34 21.29
CA ALA C 136 -18.60 -12.57 22.27
C ALA C 136 -19.35 -12.32 23.57
N GLU C 137 -20.66 -12.54 23.55
CA GLU C 137 -21.46 -12.34 24.75
C GLU C 137 -21.54 -13.66 25.47
N ALA C 138 -21.67 -14.73 24.70
CA ALA C 138 -21.73 -16.06 25.28
C ALA C 138 -20.50 -16.25 26.15
N LEU C 139 -19.46 -15.45 25.90
CA LEU C 139 -18.24 -15.55 26.66
C LEU C 139 -18.08 -14.40 27.63
N GLY C 140 -19.13 -13.63 27.82
CA GLY C 140 -19.04 -12.53 28.77
C GLY C 140 -18.20 -11.36 28.34
N MET C 141 -17.41 -11.53 27.28
CA MET C 141 -16.55 -10.47 26.75
C MET C 141 -17.32 -9.23 26.29
N SER C 142 -16.61 -8.26 25.74
CA SER C 142 -17.26 -7.04 25.25
C SER C 142 -17.32 -7.01 23.74
N GLN C 143 -18.07 -6.05 23.23
CA GLN C 143 -18.29 -5.90 21.80
C GLN C 143 -17.28 -5.01 21.06
N HIS C 144 -16.03 -5.06 21.47
CA HIS C 144 -15.02 -4.23 20.81
C HIS C 144 -14.82 -4.72 19.39
N LEU C 145 -14.98 -6.02 19.17
CA LEU C 145 -14.77 -6.52 17.83
C LEU C 145 -15.92 -6.08 16.95
N SER C 146 -17.14 -6.53 17.28
CA SER C 146 -18.31 -6.18 16.50
C SER C 146 -18.44 -4.68 16.24
N TRP C 147 -17.82 -3.86 17.09
CA TRP C 147 -17.88 -2.42 16.86
C TRP C 147 -16.80 -1.96 15.92
N ALA C 148 -15.73 -2.75 15.78
CA ALA C 148 -14.67 -2.40 14.83
C ALA C 148 -15.14 -2.87 13.46
N PHE C 149 -15.65 -4.09 13.41
CA PHE C 149 -16.17 -4.67 12.17
C PHE C 149 -17.23 -3.72 11.64
N ALA C 150 -18.11 -3.26 12.54
CA ALA C 150 -19.19 -2.34 12.17
C ALA C 150 -18.62 -1.11 11.51
N ALA C 151 -17.35 -0.83 11.80
CA ALA C 151 -16.67 0.31 11.23
C ALA C 151 -16.26 0.05 9.81
N ALA C 152 -15.78 -1.16 9.55
CA ALA C 152 -15.36 -1.53 8.19
C ALA C 152 -16.58 -1.66 7.28
N ILE C 153 -17.69 -2.13 7.85
CA ILE C 153 -18.92 -2.28 7.10
C ILE C 153 -19.36 -0.90 6.63
N PHE C 154 -19.38 0.06 7.53
CA PHE C 154 -19.77 1.42 7.19
C PHE C 154 -19.07 1.88 5.93
N PHE C 155 -17.78 1.61 5.80
CA PHE C 155 -17.05 2.02 4.60
C PHE C 155 -17.56 1.23 3.42
N TYR C 156 -17.67 -0.09 3.59
CA TYR C 156 -18.18 -0.96 2.55
C TYR C 156 -19.56 -0.43 2.10
N LEU C 157 -20.48 -0.31 3.05
CA LEU C 157 -21.83 0.17 2.79
C LEU C 157 -21.85 1.51 2.09
N VAL C 158 -20.92 2.37 2.46
CA VAL C 158 -20.85 3.68 1.87
C VAL C 158 -20.46 3.59 0.43
N LEU C 159 -19.55 2.67 0.11
CA LEU C 159 -19.09 2.52 -1.25
C LEU C 159 -20.20 2.08 -2.19
N GLY C 160 -20.77 0.92 -1.91
CA GLY C 160 -21.81 0.39 -2.77
C GLY C 160 -23.26 0.66 -2.46
N PHE C 161 -23.58 1.23 -1.31
CA PHE C 161 -24.99 1.43 -1.03
C PHE C 161 -25.47 2.80 -0.58
N ILE C 162 -24.80 3.40 0.41
CA ILE C 162 -25.21 4.70 0.91
C ILE C 162 -24.99 5.83 -0.07
N ARG C 163 -23.76 5.97 -0.58
CA ARG C 163 -23.49 7.05 -1.52
C ARG C 163 -24.35 6.93 -2.79
N PRO C 164 -24.49 5.71 -3.32
CA PRO C 164 -25.33 5.62 -4.52
C PRO C 164 -26.73 6.16 -4.22
N VAL C 165 -27.36 5.62 -3.19
CA VAL C 165 -28.71 6.06 -2.82
C VAL C 165 -28.81 7.56 -2.58
N MET C 166 -27.93 8.14 -1.77
CA MET C 166 -28.04 9.57 -1.56
C MET C 166 -27.92 10.24 -2.91
N MET C 167 -27.03 9.74 -3.76
CA MET C 167 -26.84 10.33 -5.07
C MET C 167 -27.91 9.90 -6.05
N GLY C 168 -28.79 9.01 -5.61
CA GLY C 168 -29.87 8.54 -6.45
C GLY C 168 -29.42 7.84 -7.72
N SER C 169 -28.41 6.99 -7.62
CA SER C 169 -27.90 6.30 -8.80
C SER C 169 -27.02 5.08 -8.53
N TRP C 170 -27.58 3.88 -8.65
CA TRP C 170 -26.81 2.67 -8.42
C TRP C 170 -25.57 2.60 -9.27
N ALA C 171 -25.54 3.35 -10.37
CA ALA C 171 -24.39 3.33 -11.26
C ALA C 171 -23.13 3.89 -10.61
N LYS C 172 -23.29 4.49 -9.44
CA LYS C 172 -22.16 5.07 -8.73
C LYS C 172 -21.49 4.05 -7.82
N ALA C 173 -22.10 2.88 -7.68
CA ALA C 173 -21.58 1.81 -6.86
C ALA C 173 -20.42 1.11 -7.52
N VAL C 174 -19.73 0.27 -6.75
CA VAL C 174 -18.56 -0.47 -7.18
C VAL C 174 -18.91 -1.80 -7.85
N PRO C 175 -18.23 -2.12 -8.94
CA PRO C 175 -18.45 -3.36 -9.68
C PRO C 175 -17.74 -4.53 -9.05
N PHE C 176 -18.32 -5.72 -9.12
CA PHE C 176 -17.67 -6.90 -8.54
C PHE C 176 -16.68 -7.54 -9.49
N GLY C 177 -15.40 -7.24 -9.31
CA GLY C 177 -14.38 -7.79 -10.17
C GLY C 177 -13.02 -7.42 -9.62
N ILE C 178 -11.99 -8.20 -9.95
CA ILE C 178 -10.65 -7.92 -9.46
C ILE C 178 -10.05 -6.71 -10.12
N PHE C 179 -9.71 -6.81 -11.39
CA PHE C 179 -9.16 -5.66 -12.09
C PHE C 179 -10.21 -4.57 -12.26
N PRO C 180 -11.49 -4.94 -12.52
CA PRO C 180 -12.53 -3.92 -12.68
C PRO C 180 -12.66 -3.01 -11.47
N HIS C 181 -12.63 -3.58 -10.26
CA HIS C 181 -12.73 -2.76 -9.04
C HIS C 181 -11.51 -1.92 -8.82
N LEU C 182 -10.45 -2.23 -9.57
CA LEU C 182 -9.21 -1.46 -9.51
C LEU C 182 -9.37 -0.28 -10.45
N ASP C 183 -9.91 -0.55 -11.63
CA ASP C 183 -10.13 0.50 -12.61
C ASP C 183 -11.08 1.53 -12.04
N TRP C 184 -12.08 1.08 -11.30
CA TRP C 184 -13.04 1.98 -10.69
C TRP C 184 -12.37 2.91 -9.70
N THR C 185 -11.38 2.37 -8.99
CA THR C 185 -10.65 3.12 -8.01
C THR C 185 -9.93 4.29 -8.65
N ALA C 186 -9.25 4.04 -9.75
CA ALA C 186 -8.52 5.08 -10.47
C ALA C 186 -9.44 6.11 -11.12
N ALA C 187 -10.46 5.63 -11.83
CA ALA C 187 -11.40 6.53 -12.48
C ALA C 187 -12.08 7.43 -11.46
N PHE C 188 -12.41 6.88 -10.29
CA PHE C 188 -13.08 7.65 -9.26
C PHE C 188 -12.26 8.87 -8.89
N SER C 189 -10.95 8.69 -8.74
CA SER C 189 -10.09 9.80 -8.39
C SER C 189 -10.01 10.78 -9.55
N ILE C 190 -9.92 10.25 -10.76
CA ILE C 190 -9.85 11.09 -11.94
C ILE C 190 -11.14 11.89 -12.04
N ARG C 191 -12.28 11.22 -11.95
CA ARG C 191 -13.57 11.87 -12.00
C ARG C 191 -13.74 13.01 -11.02
N TYR C 192 -13.19 12.87 -9.82
CA TYR C 192 -13.34 13.91 -8.81
C TYR C 192 -12.15 14.83 -8.54
N GLY C 193 -11.37 15.08 -9.58
CA GLY C 193 -10.24 15.99 -9.47
C GLY C 193 -9.08 15.68 -8.56
N ASN C 194 -8.64 14.42 -8.56
CA ASN C 194 -7.51 13.99 -7.75
C ASN C 194 -7.82 13.83 -6.28
N LEU C 195 -7.96 12.58 -5.85
CA LEU C 195 -8.29 12.28 -4.47
C LEU C 195 -7.16 12.55 -3.49
N TYR C 196 -5.97 12.86 -3.99
CA TYR C 196 -4.85 13.17 -3.09
C TYR C 196 -5.17 14.41 -2.31
N TYR C 197 -5.96 15.28 -2.91
CA TYR C 197 -6.33 16.53 -2.28
C TYR C 197 -7.62 16.43 -1.50
N ASN C 198 -8.06 15.22 -1.23
CA ASN C 198 -9.26 15.07 -0.43
C ASN C 198 -8.71 14.95 0.99
N PRO C 199 -9.05 15.90 1.86
CA PRO C 199 -8.58 15.90 3.25
C PRO C 199 -8.85 14.64 4.04
N PHE C 200 -9.98 14.01 3.81
CA PHE C 200 -10.25 12.78 4.53
C PHE C 200 -9.53 11.61 3.91
N HIS C 201 -9.02 11.80 2.69
CA HIS C 201 -8.27 10.75 2.06
C HIS C 201 -6.90 10.81 2.71
N MET C 202 -6.45 12.03 2.99
CA MET C 202 -5.16 12.25 3.63
C MET C 202 -5.17 11.65 5.04
N LEU C 203 -6.26 11.88 5.77
CA LEU C 203 -6.40 11.36 7.12
C LEU C 203 -6.42 9.85 7.16
N SER C 204 -7.10 9.24 6.18
CA SER C 204 -7.20 7.79 6.13
C SER C 204 -5.87 7.14 5.80
N ILE C 205 -4.99 7.82 5.07
CA ILE C 205 -3.68 7.29 4.74
C ILE C 205 -2.84 7.34 6.02
N ALA C 206 -2.83 8.49 6.65
CA ALA C 206 -2.11 8.67 7.89
C ALA C 206 -2.50 7.58 8.85
N PHE C 207 -3.78 7.23 8.84
CA PHE C 207 -4.28 6.19 9.72
C PHE C 207 -3.97 4.79 9.22
N LEU C 208 -3.73 4.64 7.92
CA LEU C 208 -3.40 3.35 7.37
C LEU C 208 -1.94 3.13 7.53
N TYR C 209 -1.16 4.19 7.33
CA TYR C 209 0.27 4.10 7.51
C TYR C 209 0.57 3.91 8.99
N GLY C 210 -0.16 4.65 9.81
CA GLY C 210 0.00 4.59 11.25
C GLY C 210 -0.37 3.26 11.84
N SER C 211 -1.29 2.56 11.20
CA SER C 211 -1.70 1.25 11.71
C SER C 211 -0.58 0.26 11.46
N ALA C 212 0.29 0.59 10.52
CA ALA C 212 1.43 -0.25 10.18
C ALA C 212 2.58 0.13 11.10
N LEU C 213 2.66 1.41 11.42
CA LEU C 213 3.67 1.94 12.32
C LEU C 213 3.34 1.37 13.68
N LEU C 214 2.07 1.46 14.09
CA LEU C 214 1.65 0.96 15.38
C LEU C 214 1.84 -0.53 15.57
N PHE C 215 1.30 -1.36 14.68
CA PHE C 215 1.47 -2.78 14.87
C PHE C 215 2.93 -3.18 14.87
N ALA C 216 3.74 -2.53 14.06
CA ALA C 216 5.15 -2.85 14.04
C ALA C 216 5.72 -2.46 15.40
N MET C 217 5.28 -1.32 15.92
CA MET C 217 5.76 -0.85 17.22
C MET C 217 5.35 -1.79 18.35
N HIS C 218 4.05 -2.03 18.47
CA HIS C 218 3.52 -2.89 19.52
C HIS C 218 4.06 -4.31 19.41
N GLY C 219 4.05 -4.84 18.20
CA GLY C 219 4.52 -6.19 17.99
C GLY C 219 5.99 -6.37 18.28
N ALA C 220 6.82 -5.45 17.81
CA ALA C 220 8.25 -5.56 18.06
C ALA C 220 8.53 -5.38 19.55
N THR C 221 7.79 -4.46 20.17
CA THR C 221 7.92 -4.19 21.58
C THR C 221 7.60 -5.41 22.39
N ILE C 222 6.37 -5.89 22.27
CA ILE C 222 5.95 -7.06 23.02
C ILE C 222 6.82 -8.29 22.81
N LEU C 223 7.48 -8.37 21.66
CA LEU C 223 8.34 -9.51 21.42
C LEU C 223 9.64 -9.26 22.15
N SER C 224 10.08 -8.01 22.12
CA SER C 224 11.33 -7.64 22.76
C SER C 224 11.25 -7.73 24.28
N VAL C 225 10.04 -7.92 24.80
CA VAL C 225 9.85 -7.99 26.23
C VAL C 225 9.18 -9.33 26.53
N SER C 226 9.32 -10.24 25.57
CA SER C 226 8.73 -11.56 25.73
C SER C 226 9.54 -12.36 26.75
N ARG C 227 10.85 -12.11 26.80
CA ARG C 227 11.70 -12.78 27.76
C ARG C 227 11.11 -12.64 29.15
N PHE C 228 10.46 -11.50 29.41
CA PHE C 228 9.85 -11.24 30.71
C PHE C 228 8.40 -11.63 30.67
N GLY C 229 8.03 -12.40 29.66
CA GLY C 229 6.66 -12.85 29.53
C GLY C 229 5.71 -11.70 29.23
N GLY C 230 6.12 -10.78 28.38
CA GLY C 230 5.28 -9.65 28.05
C GLY C 230 4.06 -9.97 27.21
N ASP C 231 4.04 -11.15 26.60
CA ASP C 231 2.91 -11.54 25.76
C ASP C 231 1.68 -11.81 26.58
N ARG C 232 1.86 -12.15 27.84
CA ARG C 232 0.74 -12.41 28.71
C ARG C 232 0.10 -11.11 29.06
N GLU C 233 -0.18 -10.33 28.03
CA GLU C 233 -0.76 -9.01 28.20
C GLU C 233 -1.92 -8.99 29.16
N ILE C 234 -2.54 -10.13 29.37
CA ILE C 234 -3.69 -10.18 30.25
C ILE C 234 -3.40 -9.90 31.71
N ASP C 235 -2.37 -10.53 32.27
CA ASP C 235 -2.06 -10.30 33.68
C ASP C 235 -1.16 -9.09 33.89
N GLN C 236 -0.49 -8.62 32.84
CA GLN C 236 0.38 -7.46 32.96
C GLN C 236 -0.46 -6.19 33.03
N ILE C 237 -1.70 -6.31 32.60
CA ILE C 237 -2.62 -5.19 32.63
C ILE C 237 -3.21 -5.16 34.01
N THR C 238 -3.38 -6.33 34.61
CA THR C 238 -3.93 -6.39 35.95
C THR C 238 -2.81 -6.29 36.96
N HIS C 239 -1.71 -7.00 36.72
CA HIS C 239 -0.56 -6.98 37.63
C HIS C 239 0.74 -6.62 36.91
N ARG C 240 0.86 -5.34 36.60
CA ARG C 240 2.02 -4.80 35.90
C ARG C 240 3.32 -5.48 36.27
N GLY C 241 4.04 -5.94 35.25
CA GLY C 241 5.30 -6.61 35.48
C GLY C 241 6.44 -5.82 34.88
N THR C 242 7.67 -6.29 35.05
CA THR C 242 8.82 -5.60 34.52
C THR C 242 8.82 -5.60 33.00
N ALA C 243 7.88 -6.34 32.43
CA ALA C 243 7.73 -6.42 30.98
C ALA C 243 7.00 -5.16 30.54
N ALA C 244 5.88 -4.85 31.21
CA ALA C 244 5.13 -3.66 30.89
C ALA C 244 5.98 -2.46 31.28
N GLU C 245 6.92 -2.68 32.19
CA GLU C 245 7.80 -1.60 32.62
C GLU C 245 8.93 -1.42 31.62
N GLY C 246 9.64 -2.48 31.28
CA GLY C 246 10.73 -2.34 30.31
C GLY C 246 10.20 -1.75 29.00
N ALA C 247 8.94 -2.07 28.72
CA ALA C 247 8.27 -1.62 27.51
C ALA C 247 7.96 -0.14 27.53
N ALA C 248 7.18 0.28 28.51
CA ALA C 248 6.82 1.68 28.62
C ALA C 248 8.03 2.58 28.69
N LEU C 249 9.11 2.08 29.27
CA LEU C 249 10.31 2.89 29.38
C LEU C 249 11.13 2.91 28.12
N PHE C 250 11.00 1.87 27.30
CA PHE C 250 11.74 1.90 26.06
C PHE C 250 11.26 3.09 25.28
N TRP C 251 9.96 3.31 25.32
CA TRP C 251 9.32 4.40 24.62
C TRP C 251 9.47 5.75 25.26
N ARG C 252 9.31 5.80 26.58
CA ARG C 252 9.46 7.08 27.26
C ARG C 252 10.84 7.62 26.91
N TRP C 253 11.84 6.77 26.98
CA TRP C 253 13.20 7.18 26.70
C TRP C 253 13.47 7.49 25.23
N THR C 254 12.67 6.92 24.35
CA THR C 254 12.85 7.15 22.94
C THR C 254 12.15 8.41 22.42
N MET C 255 10.85 8.49 22.65
CA MET C 255 10.05 9.61 22.17
C MET C 255 9.41 10.56 23.18
N GLY C 256 9.82 10.48 24.45
CA GLY C 256 9.28 11.39 25.45
C GLY C 256 7.95 11.08 26.11
N PHE C 257 7.29 10.01 25.71
CA PHE C 257 6.03 9.64 26.32
C PHE C 257 5.80 8.16 26.13
N ASN C 258 4.75 7.62 26.73
CA ASN C 258 4.48 6.18 26.62
C ASN C 258 3.05 5.83 26.99
N ALA C 259 2.70 4.56 26.83
CA ALA C 259 1.36 4.09 27.12
C ALA C 259 1.40 3.02 28.19
N THR C 260 0.33 2.23 28.26
CA THR C 260 0.25 1.14 29.20
C THR C 260 -0.06 -0.10 28.39
N MET C 261 0.10 -1.27 28.99
CA MET C 261 -0.17 -2.52 28.30
C MET C 261 -1.59 -2.49 27.76
N GLU C 262 -2.51 -1.92 28.53
CA GLU C 262 -3.89 -1.86 28.09
C GLU C 262 -4.13 -0.73 27.11
N SER C 263 -3.76 0.48 27.49
CA SER C 263 -3.97 1.64 26.64
C SER C 263 -3.38 1.54 25.24
N ILE C 264 -2.28 0.82 25.08
CA ILE C 264 -1.69 0.74 23.75
C ILE C 264 -2.65 0.06 22.80
N HIS C 265 -3.52 -0.78 23.33
CA HIS C 265 -4.47 -1.50 22.51
C HIS C 265 -5.65 -0.61 22.17
N ARG C 266 -5.77 0.52 22.88
CA ARG C 266 -6.83 1.47 22.60
C ARG C 266 -6.33 2.40 21.50
N TRP C 267 -5.02 2.69 21.51
CA TRP C 267 -4.43 3.53 20.49
C TRP C 267 -4.54 2.75 19.23
N ALA C 268 -4.36 1.45 19.34
CA ALA C 268 -4.40 0.58 18.18
C ALA C 268 -5.80 0.41 17.63
N TRP C 269 -6.74 0.07 18.51
CA TRP C 269 -8.12 -0.12 18.08
C TRP C 269 -8.54 1.11 17.33
N TRP C 270 -8.47 2.25 18.00
CA TRP C 270 -8.87 3.50 17.41
C TRP C 270 -8.16 3.90 16.14
N CYS C 271 -6.89 3.60 16.04
CA CYS C 271 -6.14 3.96 14.84
C CYS C 271 -6.59 3.16 13.64
N ALA C 272 -7.07 1.96 13.90
CA ALA C 272 -7.54 1.12 12.80
C ALA C 272 -8.92 1.58 12.37
N VAL C 273 -9.84 1.63 13.31
CA VAL C 273 -11.21 2.05 13.05
C VAL C 273 -11.29 3.37 12.31
N LEU C 274 -10.45 4.33 12.66
CA LEU C 274 -10.50 5.61 11.98
C LEU C 274 -10.00 5.58 10.56
N THR C 275 -9.51 4.44 10.13
CA THR C 275 -8.99 4.28 8.77
C THR C 275 -10.13 4.13 7.78
N VAL C 276 -11.14 3.37 8.18
CA VAL C 276 -12.30 3.11 7.37
C VAL C 276 -13.35 4.20 7.58
N ILE C 277 -13.40 4.80 8.77
CA ILE C 277 -14.36 5.87 9.03
C ILE C 277 -14.03 7.15 8.29
N THR C 278 -12.79 7.60 8.37
CA THR C 278 -12.42 8.80 7.66
C THR C 278 -12.50 8.51 6.17
N ALA C 279 -12.42 7.23 5.81
CA ALA C 279 -12.49 6.81 4.41
C ALA C 279 -13.88 7.03 3.83
N GLY C 280 -14.89 6.47 4.48
CA GLY C 280 -16.26 6.61 4.04
C GLY C 280 -16.68 8.05 4.06
N ILE C 281 -16.28 8.77 5.10
CA ILE C 281 -16.60 10.18 5.18
C ILE C 281 -15.99 10.79 3.96
N GLY C 282 -14.79 10.35 3.65
CA GLY C 282 -14.08 10.85 2.49
C GLY C 282 -14.84 10.61 1.21
N ILE C 283 -15.40 9.42 1.07
CA ILE C 283 -16.14 9.10 -0.14
C ILE C 283 -17.53 9.72 -0.07
N LEU C 284 -18.08 9.84 1.13
CA LEU C 284 -19.40 10.41 1.31
C LEU C 284 -19.48 11.81 0.72
N LEU C 285 -18.49 12.63 1.00
CA LEU C 285 -18.48 13.99 0.50
C LEU C 285 -18.14 14.08 -0.96
N SER C 286 -17.61 13.01 -1.53
CA SER C 286 -17.21 13.05 -2.92
C SER C 286 -18.36 13.06 -3.91
N GLY C 287 -18.45 14.16 -4.64
CA GLY C 287 -19.50 14.32 -5.62
C GLY C 287 -20.74 14.85 -4.98
N THR C 288 -20.90 14.52 -3.70
CA THR C 288 -22.04 14.93 -2.92
C THR C 288 -21.88 16.37 -2.43
N VAL C 289 -20.70 16.69 -1.95
CA VAL C 289 -20.42 18.02 -1.45
C VAL C 289 -19.38 18.68 -2.31
N VAL C 290 -18.37 17.91 -2.70
CA VAL C 290 -17.29 18.43 -3.52
C VAL C 290 -17.19 17.71 -4.85
N ASP C 291 -16.86 18.43 -5.92
CA ASP C 291 -16.74 17.81 -7.22
C ASP C 291 -15.32 17.76 -7.79
N ASN C 292 -14.46 18.64 -7.32
CA ASN C 292 -13.08 18.64 -7.80
C ASN C 292 -12.17 18.98 -6.63
N TRP C 293 -11.73 17.95 -5.92
CA TRP C 293 -10.87 18.14 -4.75
C TRP C 293 -9.66 19.04 -4.94
N TYR C 294 -8.99 18.95 -6.09
CA TYR C 294 -7.83 19.79 -6.32
C TYR C 294 -8.20 21.24 -6.27
N LEU C 295 -9.33 21.58 -6.88
CA LEU C 295 -9.81 22.94 -6.92
C LEU C 295 -10.17 23.40 -5.51
N TRP C 296 -10.81 22.52 -4.76
CA TRP C 296 -11.19 22.81 -3.37
C TRP C 296 -9.93 23.16 -2.61
N ALA C 297 -8.87 22.38 -2.83
CA ALA C 297 -7.61 22.61 -2.15
C ALA C 297 -6.98 23.93 -2.58
N VAL C 298 -7.30 24.37 -3.79
CA VAL C 298 -6.77 25.64 -4.30
C VAL C 298 -7.49 26.78 -3.60
N LYS C 299 -8.80 26.61 -3.44
CA LYS C 299 -9.67 27.57 -2.78
C LYS C 299 -9.24 27.74 -1.36
N HIS C 300 -8.53 26.73 -0.84
CA HIS C 300 -8.06 26.79 0.52
C HIS C 300 -6.55 26.97 0.62
N GLY C 301 -5.96 27.49 -0.44
CA GLY C 301 -4.54 27.75 -0.50
C GLY C 301 -3.66 26.58 -0.14
N MET C 302 -4.07 25.36 -0.48
CA MET C 302 -3.26 24.20 -0.14
C MET C 302 -2.43 23.61 -1.26
N ALA C 303 -2.68 24.02 -2.49
CA ALA C 303 -1.93 23.44 -3.60
C ALA C 303 -0.64 24.15 -3.93
N PRO C 304 0.46 23.40 -3.97
CA PRO C 304 1.74 24.00 -4.29
C PRO C 304 1.77 24.53 -5.70
N ALA C 305 2.62 25.53 -5.93
CA ALA C 305 2.77 26.16 -7.22
C ALA C 305 4.19 25.95 -7.68
N TYR C 306 4.37 25.73 -8.98
CA TYR C 306 5.71 25.48 -9.48
C TYR C 306 6.04 26.39 -10.64
N PRO C 307 7.33 26.66 -10.87
CA PRO C 307 7.69 27.51 -12.00
C PRO C 307 7.10 26.80 -13.20
N GLU C 308 6.39 27.54 -14.03
CA GLU C 308 5.76 26.99 -15.23
C GLU C 308 6.79 26.71 -16.29
N VAL C 309 7.33 25.50 -16.27
CA VAL C 309 8.35 25.08 -17.23
C VAL C 309 7.69 24.42 -18.42
N VAL C 310 6.42 24.10 -18.28
CA VAL C 310 5.70 23.43 -19.33
C VAL C 310 4.27 23.95 -19.32
N THR C 311 3.71 24.20 -20.49
CA THR C 311 2.35 24.69 -20.55
C THR C 311 1.75 24.37 -21.92
N ALA C 312 0.42 24.39 -22.00
CA ALA C 312 -0.25 24.05 -23.24
C ALA C 312 -1.36 25.01 -23.60
N VAL C 313 -1.36 25.49 -24.84
CA VAL C 313 -2.39 26.42 -25.29
C VAL C 313 -3.71 25.69 -25.32
N ASN C 314 -4.74 26.32 -24.79
CA ASN C 314 -6.06 25.70 -24.74
C ASN C 314 -6.83 25.88 -26.05
N PRO C 315 -6.85 24.84 -26.89
CA PRO C 315 -7.53 24.85 -28.18
C PRO C 315 -8.97 25.23 -28.07
N TYR C 316 -9.65 24.82 -27.00
CA TYR C 316 -11.05 25.18 -26.83
C TYR C 316 -11.17 26.69 -26.91
N GLU C 317 -10.07 27.38 -26.63
CA GLU C 317 -10.01 28.83 -26.69
C GLU C 317 -9.41 29.17 -28.03
N THR C 318 -10.05 28.65 -29.08
CA THR C 318 -9.66 28.84 -30.48
C THR C 318 -8.34 29.60 -30.70
N HIS D 7 -19.96 32.15 5.36
CA HIS D 7 -18.82 32.86 4.68
C HIS D 7 -18.46 32.10 3.37
N TYR D 8 -17.19 32.19 2.97
CA TYR D 8 -16.69 31.45 1.80
C TYR D 8 -16.40 30.04 2.36
N ILE D 9 -17.08 29.71 3.45
CA ILE D 9 -16.96 28.45 4.17
C ILE D 9 -17.81 27.36 3.51
N ASP D 10 -17.21 26.22 3.20
CA ASP D 10 -17.97 25.14 2.60
C ASP D 10 -18.17 23.96 3.53
N ALA D 11 -19.11 23.09 3.22
CA ALA D 11 -19.38 21.96 4.09
C ALA D 11 -18.19 21.03 4.25
N ALA D 12 -17.33 20.95 3.25
CA ALA D 12 -16.17 20.07 3.39
C ALA D 12 -15.33 20.64 4.50
N GLN D 13 -15.34 21.96 4.61
CA GLN D 13 -14.58 22.65 5.63
C GLN D 13 -15.14 22.25 6.98
N ILE D 14 -16.40 22.59 7.24
CA ILE D 14 -16.99 22.28 8.53
C ILE D 14 -16.97 20.83 8.95
N THR D 15 -16.69 19.93 8.02
CA THR D 15 -16.66 18.51 8.39
C THR D 15 -15.26 18.15 8.88
N ILE D 16 -14.27 18.90 8.42
CA ILE D 16 -12.91 18.71 8.84
C ILE D 16 -12.73 19.29 10.23
N TRP D 17 -13.53 20.29 10.57
CA TRP D 17 -13.45 20.89 11.90
C TRP D 17 -13.98 19.91 12.91
N ALA D 18 -15.14 19.35 12.64
CA ALA D 18 -15.77 18.39 13.52
C ALA D 18 -14.84 17.23 13.84
N PHE D 19 -14.22 16.66 12.81
CA PHE D 19 -13.30 15.55 12.99
C PHE D 19 -12.25 15.97 13.99
N TRP D 20 -11.40 16.90 13.58
CA TRP D 20 -10.35 17.41 14.44
C TRP D 20 -10.85 17.64 15.86
N LEU D 21 -12.09 18.07 15.98
CA LEU D 21 -12.63 18.28 17.31
C LEU D 21 -12.77 16.93 18.01
N PHE D 22 -13.21 15.91 17.29
CA PHE D 22 -13.32 14.60 17.88
C PHE D 22 -11.92 14.02 18.09
N PHE D 23 -10.98 14.36 17.21
CA PHE D 23 -9.62 13.83 17.33
C PHE D 23 -8.98 14.31 18.62
N PHE D 24 -8.86 15.63 18.77
CA PHE D 24 -8.30 16.28 19.96
C PHE D 24 -8.95 15.65 21.17
N GLY D 25 -10.26 15.50 21.13
CA GLY D 25 -10.95 14.90 22.25
C GLY D 25 -10.52 13.46 22.43
N LEU D 26 -10.22 12.77 21.34
CA LEU D 26 -9.81 11.38 21.41
C LEU D 26 -8.45 11.27 22.07
N ILE D 27 -7.45 11.93 21.51
CA ILE D 27 -6.10 11.90 22.07
C ILE D 27 -6.19 12.09 23.57
N ILE D 28 -6.89 13.13 24.00
CA ILE D 28 -7.04 13.42 25.41
C ILE D 28 -7.48 12.18 26.16
N TYR D 29 -8.59 11.59 25.75
CA TYR D 29 -9.06 10.38 26.41
C TYR D 29 -7.96 9.34 26.44
N LEU D 30 -7.24 9.17 25.33
CA LEU D 30 -6.17 8.18 25.26
C LEU D 30 -4.98 8.52 26.12
N ARG D 31 -4.64 9.80 26.21
CA ARG D 31 -3.51 10.19 27.03
C ARG D 31 -3.83 10.07 28.50
N ARG D 32 -5.11 9.96 28.82
CA ARG D 32 -5.51 9.81 30.21
C ARG D 32 -5.37 8.36 30.62
N GLU D 33 -5.67 7.46 29.71
CA GLU D 33 -5.55 6.03 29.96
C GLU D 33 -4.09 5.67 30.03
N ASP D 34 -3.26 6.42 29.31
CA ASP D 34 -1.82 6.18 29.28
C ASP D 34 -1.26 6.42 30.67
N LYS D 35 -2.09 6.98 31.54
CA LYS D 35 -1.67 7.30 32.89
C LYS D 35 -2.32 6.47 33.96
N ARG D 36 -2.75 5.27 33.61
CA ARG D 36 -3.35 4.44 34.62
C ARG D 36 -2.25 3.68 35.36
N GLU D 37 -1.00 3.95 34.99
CA GLU D 37 0.15 3.29 35.60
C GLU D 37 1.35 4.21 35.55
N GLY D 38 2.05 4.33 36.67
CA GLY D 38 3.23 5.15 36.75
C GLY D 38 3.06 6.62 37.11
N TYR D 39 1.83 7.07 37.30
CA TYR D 39 1.58 8.47 37.65
C TYR D 39 1.00 8.56 39.05
N PRO D 40 1.20 9.69 39.74
CA PRO D 40 1.93 10.90 39.32
C PRO D 40 3.42 10.66 39.24
N LEU D 41 4.05 11.44 38.37
CA LEU D 41 5.48 11.34 38.14
C LEU D 41 6.34 11.67 39.36
N ASP D 42 7.63 11.40 39.23
CA ASP D 42 8.59 11.67 40.29
C ASP D 42 9.25 13.02 40.02
N SER D 43 8.87 14.00 40.84
CA SER D 43 9.41 15.35 40.82
C SER D 43 10.86 15.36 40.39
N PRO D 59 -4.92 16.45 29.77
CA PRO D 59 -4.84 15.11 30.38
C PRO D 59 -4.40 15.17 31.84
N ASP D 60 -5.34 14.90 32.73
CA ASP D 60 -5.12 14.86 34.18
C ASP D 60 -5.30 13.37 34.48
N LEU D 61 -5.31 12.96 35.74
CA LEU D 61 -5.50 11.53 36.02
C LEU D 61 -6.95 11.14 35.98
N PRO D 62 -7.26 9.99 35.38
CA PRO D 62 -8.63 9.49 35.27
C PRO D 62 -9.07 8.77 36.52
N ASP D 63 -10.35 8.93 36.87
CA ASP D 63 -10.87 8.27 38.04
C ASP D 63 -10.52 6.81 37.86
N PRO D 64 -10.17 6.16 38.97
CA PRO D 64 -9.79 4.74 38.96
C PRO D 64 -10.79 3.85 38.26
N LYS D 65 -10.30 2.72 37.75
CA LYS D 65 -11.13 1.73 37.10
C LYS D 65 -10.82 0.47 37.86
N THR D 66 -11.81 -0.38 38.07
CA THR D 66 -11.62 -1.58 38.83
C THR D 66 -11.64 -2.84 38.00
N PHE D 67 -10.65 -3.71 38.18
CA PHE D 67 -10.62 -4.99 37.47
C PHE D 67 -11.03 -6.02 38.53
N VAL D 68 -11.99 -6.88 38.22
CA VAL D 68 -12.43 -7.87 39.18
C VAL D 68 -11.84 -9.23 38.85
N LEU D 69 -10.71 -9.56 39.45
CA LEU D 69 -10.05 -10.84 39.17
C LEU D 69 -10.98 -12.01 39.40
N PRO D 70 -10.91 -13.02 38.52
CA PRO D 70 -11.77 -14.20 38.64
C PRO D 70 -11.46 -15.07 39.85
N HIS D 71 -12.15 -16.21 39.95
CA HIS D 71 -11.98 -17.16 41.05
C HIS D 71 -11.82 -16.43 42.38
N ASN D 72 -10.96 -16.92 43.27
CA ASN D 72 -10.70 -16.25 44.56
C ASN D 72 -10.70 -14.77 44.24
N GLY D 73 -9.83 -14.44 43.30
CA GLY D 73 -9.71 -13.08 42.83
C GLY D 73 -8.90 -12.10 43.62
N GLY D 74 -9.53 -10.94 43.76
CA GLY D 74 -8.98 -9.79 44.43
C GLY D 74 -9.57 -8.63 43.66
N THR D 75 -8.89 -7.51 43.69
CA THR D 75 -9.38 -6.35 42.98
C THR D 75 -8.25 -5.40 42.76
N VAL D 76 -8.06 -5.01 41.50
CA VAL D 76 -7.00 -4.10 41.14
C VAL D 76 -7.66 -2.83 40.71
N VAL D 77 -7.03 -1.72 41.01
CA VAL D 77 -7.54 -0.44 40.58
C VAL D 77 -6.41 0.16 39.80
N ALA D 78 -6.73 1.12 38.94
CA ALA D 78 -5.75 1.79 38.13
C ALA D 78 -6.44 3.09 37.75
N PRO D 79 -5.80 4.23 38.02
CA PRO D 79 -4.50 4.28 38.67
C PRO D 79 -4.62 4.01 40.16
N ARG D 80 -3.57 3.47 40.76
CA ARG D 80 -3.57 3.18 42.18
C ARG D 80 -2.45 3.97 42.81
N VAL D 81 -2.37 3.91 44.13
CA VAL D 81 -1.29 4.59 44.83
C VAL D 81 -0.37 3.48 45.34
N GLU D 82 0.83 3.38 44.77
CA GLU D 82 1.74 2.35 45.23
C GLU D 82 2.89 2.92 46.03
N ALA D 83 3.18 2.27 47.16
CA ALA D 83 4.24 2.71 48.05
C ALA D 83 5.58 2.65 47.38
N PRO D 84 6.34 3.75 47.42
CA PRO D 84 7.66 3.75 46.78
C PRO D 84 8.51 2.63 47.38
N VAL D 85 9.53 2.21 46.65
CA VAL D 85 10.45 1.18 47.11
C VAL D 85 11.81 1.79 46.83
N ALA D 86 12.64 1.87 47.86
CA ALA D 86 13.97 2.46 47.70
C ALA D 86 14.72 1.85 46.51
N VAL D 87 15.69 2.59 46.01
CA VAL D 87 16.48 2.17 44.87
C VAL D 87 17.84 1.65 45.35
N ASN D 88 18.18 0.45 44.93
CA ASN D 88 19.46 -0.11 45.35
C ASN D 88 20.61 0.34 44.48
N ALA D 89 20.83 1.65 44.44
CA ALA D 89 21.90 2.20 43.64
C ALA D 89 22.10 3.63 44.06
N THR D 90 23.19 4.23 43.62
CA THR D 90 23.47 5.62 43.97
C THR D 90 23.77 6.44 42.75
N PRO D 91 23.27 7.70 42.72
CA PRO D 91 23.51 8.58 41.60
C PRO D 91 24.96 8.66 41.20
N PHE D 92 25.25 8.32 39.96
CA PHE D 92 26.61 8.40 39.48
C PHE D 92 27.01 9.86 39.56
N SER D 93 26.01 10.73 39.52
CA SER D 93 26.23 12.16 39.55
C SER D 93 25.02 12.85 40.16
N PRO D 94 25.23 14.02 40.77
CA PRO D 94 24.12 14.74 41.38
C PRO D 94 23.27 15.54 40.41
N ALA D 95 23.70 15.64 39.16
CA ALA D 95 22.95 16.41 38.16
C ALA D 95 21.67 15.65 37.87
N PRO D 96 20.58 16.36 37.54
CA PRO D 96 19.37 15.59 37.26
C PRO D 96 19.55 14.91 35.91
N GLY D 97 18.90 13.76 35.73
CA GLY D 97 18.99 13.02 34.49
C GLY D 97 20.22 12.13 34.42
N SER D 98 20.98 12.14 35.51
CA SER D 98 22.19 11.35 35.62
C SER D 98 21.79 9.93 36.01
N PRO D 99 22.53 8.93 35.53
CA PRO D 99 22.23 7.54 35.84
C PRO D 99 22.75 7.19 37.22
N LEU D 100 22.40 6.00 37.71
CA LEU D 100 22.84 5.55 39.02
C LEU D 100 23.66 4.28 38.90
N VAL D 101 24.58 4.05 39.83
CA VAL D 101 25.39 2.83 39.78
C VAL D 101 24.78 1.82 40.72
N PRO D 102 24.72 0.55 40.30
CA PRO D 102 24.13 -0.47 41.17
C PRO D 102 25.02 -0.69 42.38
N ASN D 103 24.41 -0.97 43.53
CA ASN D 103 25.13 -1.22 44.77
C ASN D 103 25.58 -2.67 44.88
N GLY D 104 26.87 -2.86 45.16
CA GLY D 104 27.44 -4.18 45.33
C GLY D 104 27.75 -4.93 44.07
N ASP D 105 27.51 -6.24 44.14
CA ASP D 105 27.73 -7.14 43.03
C ASP D 105 26.53 -6.86 42.13
N PRO D 106 26.77 -6.19 40.99
CA PRO D 106 25.76 -5.84 40.00
C PRO D 106 24.61 -6.82 39.79
N MET D 107 24.88 -8.11 39.87
CA MET D 107 23.85 -9.10 39.63
C MET D 107 23.01 -9.32 40.87
N LEU D 108 23.50 -8.86 42.02
CA LEU D 108 22.78 -9.00 43.29
C LEU D 108 21.83 -7.84 43.45
N SER D 109 22.20 -6.70 42.88
CA SER D 109 21.43 -5.45 43.01
C SER D 109 19.93 -5.41 42.83
N GLY D 110 19.43 -6.03 41.78
CA GLY D 110 18.01 -5.96 41.56
C GLY D 110 17.75 -4.53 41.11
N PHE D 111 18.75 -3.96 40.43
CA PHE D 111 18.71 -2.61 39.90
C PHE D 111 19.20 -2.60 38.45
N GLY D 112 18.62 -1.74 37.63
CA GLY D 112 19.01 -1.68 36.24
C GLY D 112 18.29 -2.83 35.57
N PRO D 113 18.87 -3.47 34.54
CA PRO D 113 18.17 -4.59 33.90
C PRO D 113 17.82 -5.72 34.82
N ALA D 114 18.30 -5.67 36.07
CA ALA D 114 18.00 -6.71 37.05
C ALA D 114 16.82 -6.31 37.90
N ALA D 115 16.29 -5.12 37.64
CA ALA D 115 15.18 -4.62 38.41
C ALA D 115 13.91 -5.32 38.05
N SER D 116 12.92 -5.13 38.89
CA SER D 116 11.62 -5.72 38.67
C SER D 116 10.75 -5.26 39.79
N PRO D 117 9.44 -5.18 39.56
CA PRO D 117 8.54 -4.74 40.60
C PRO D 117 8.11 -5.93 41.43
N ASP D 118 7.26 -5.68 42.42
CA ASP D 118 6.79 -6.75 43.27
C ASP D 118 5.37 -7.13 42.91
N ARG D 119 5.27 -8.09 42.00
CA ARG D 119 3.97 -8.55 41.54
C ARG D 119 3.38 -9.45 42.61
N PRO D 120 2.07 -9.73 42.55
CA PRO D 120 1.41 -10.57 43.54
C PRO D 120 2.11 -11.88 43.84
N LYS D 121 1.85 -12.38 45.05
CA LYS D 121 2.41 -13.63 45.52
C LYS D 121 1.33 -14.69 45.41
N HIS D 122 0.70 -14.74 44.24
CA HIS D 122 -0.32 -15.72 43.96
C HIS D 122 0.09 -16.28 42.59
N CYS D 123 -0.57 -17.34 42.14
CA CYS D 123 -0.21 -17.92 40.85
C CYS D 123 -1.25 -17.57 39.81
N ASP D 124 -0.82 -17.48 38.55
CA ASP D 124 -1.73 -17.19 37.44
C ASP D 124 -2.54 -18.47 37.36
N LEU D 125 -3.80 -18.37 36.97
CA LEU D 125 -4.62 -19.58 36.95
C LEU D 125 -5.27 -19.89 35.61
N THR D 126 -5.51 -21.18 35.38
CA THR D 126 -6.16 -21.61 34.16
C THR D 126 -7.59 -21.14 34.33
N PHE D 127 -8.42 -21.42 33.33
CA PHE D 127 -9.81 -20.99 33.43
C PHE D 127 -10.48 -21.76 34.55
N GLU D 128 -10.11 -23.02 34.72
CA GLU D 128 -10.70 -23.81 35.80
C GLU D 128 -10.18 -23.22 37.11
N GLY D 129 -8.91 -22.85 37.11
CA GLY D 129 -8.31 -22.25 38.29
C GLY D 129 -7.17 -23.00 38.92
N LEU D 130 -6.44 -23.80 38.14
CA LEU D 130 -5.31 -24.56 38.67
C LEU D 130 -4.05 -23.81 38.28
N PRO D 131 -3.01 -23.84 39.15
CA PRO D 131 -1.76 -23.14 38.82
C PRO D 131 -1.50 -23.39 37.34
N LYS D 132 -1.59 -22.32 36.56
CA LYS D 132 -1.42 -22.38 35.12
C LYS D 132 -0.06 -22.95 34.73
N ILE D 133 0.96 -22.16 34.96
CA ILE D 133 2.31 -22.55 34.64
C ILE D 133 2.79 -23.58 35.66
N VAL D 134 2.90 -24.84 35.22
CA VAL D 134 3.36 -25.94 36.10
C VAL D 134 4.25 -26.85 35.29
N PRO D 135 5.05 -27.70 35.96
CA PRO D 135 5.97 -28.63 35.30
C PRO D 135 5.30 -29.88 34.73
N MET D 136 5.90 -30.46 33.70
CA MET D 136 5.34 -31.65 33.06
C MET D 136 5.09 -32.80 34.03
N ARG D 137 5.67 -32.71 35.22
CA ARG D 137 5.49 -33.73 36.24
C ARG D 137 4.28 -33.38 37.10
N VAL D 138 3.42 -32.51 36.58
CA VAL D 138 2.22 -32.09 37.30
C VAL D 138 1.03 -31.93 36.35
N ALA D 139 1.31 -31.54 35.11
CA ALA D 139 0.25 -31.39 34.12
C ALA D 139 0.32 -32.70 33.36
N LYS D 140 0.07 -33.75 34.12
CA LYS D 140 0.07 -35.13 33.66
C LYS D 140 -0.01 -35.31 32.14
N GLU D 141 -1.01 -34.67 31.54
CA GLU D 141 -1.27 -34.74 30.11
C GLU D 141 -0.16 -34.30 29.16
N PHE D 142 0.34 -33.09 29.30
CA PHE D 142 1.38 -32.55 28.40
C PHE D 142 2.40 -33.51 27.81
N SER D 143 3.03 -33.09 26.72
CA SER D 143 3.99 -33.97 26.09
C SER D 143 4.72 -33.27 25.00
N ILE D 144 5.99 -33.60 24.85
CA ILE D 144 6.80 -33.00 23.79
C ILE D 144 6.09 -33.25 22.48
N ALA D 145 6.46 -32.53 21.43
CA ALA D 145 5.81 -32.68 20.13
C ALA D 145 6.55 -33.61 19.17
N GLU D 146 5.80 -34.47 18.51
CA GLU D 146 6.32 -35.43 17.55
C GLU D 146 7.77 -35.21 17.14
N GLY D 147 7.97 -34.38 16.13
CA GLY D 147 9.31 -34.13 15.62
C GLY D 147 10.24 -33.22 16.39
N ASP D 148 10.01 -33.01 17.69
CA ASP D 148 10.89 -32.12 18.48
C ASP D 148 11.57 -32.74 19.71
N PRO D 149 12.91 -32.59 19.80
CA PRO D 149 13.70 -33.11 20.92
C PRO D 149 13.06 -32.82 22.26
N ASP D 150 13.14 -33.76 23.19
CA ASP D 150 12.60 -33.52 24.53
C ASP D 150 13.71 -32.73 25.18
N PRO D 151 13.41 -31.51 25.64
CA PRO D 151 14.50 -30.76 26.26
C PRO D 151 15.01 -31.50 27.48
N ARG D 152 14.09 -32.11 28.25
CA ARG D 152 14.43 -32.85 29.47
C ARG D 152 15.68 -33.70 29.42
N GLY D 153 16.67 -33.29 30.21
CA GLY D 153 17.93 -34.02 30.29
C GLY D 153 19.07 -33.41 29.48
N MET D 154 18.86 -32.26 28.85
CA MET D 154 19.91 -31.64 28.07
C MET D 154 20.84 -30.87 29.00
N THR D 155 22.00 -30.47 28.48
CA THR D 155 22.99 -29.73 29.27
C THR D 155 22.92 -28.24 29.01
N VAL D 156 22.80 -27.46 30.08
CA VAL D 156 22.72 -26.01 30.00
C VAL D 156 24.11 -25.42 30.03
N VAL D 157 24.42 -24.51 29.12
CA VAL D 157 25.75 -23.88 29.09
C VAL D 157 25.66 -22.37 29.14
N GLY D 158 26.33 -21.77 30.11
CA GLY D 158 26.32 -20.32 30.25
C GLY D 158 26.86 -19.58 29.04
N LEU D 159 26.97 -18.26 29.17
CA LEU D 159 27.45 -17.42 28.10
C LEU D 159 28.89 -17.70 27.62
N ASP D 160 29.71 -18.26 28.50
CA ASP D 160 31.10 -18.51 28.15
C ASP D 160 31.38 -19.94 27.79
N GLY D 161 30.46 -20.83 28.13
CA GLY D 161 30.66 -22.22 27.79
C GLY D 161 30.54 -23.23 28.91
N GLU D 162 31.08 -22.92 30.09
CA GLU D 162 31.01 -23.86 31.21
C GLU D 162 29.64 -24.46 31.34
N VAL D 163 29.59 -25.75 31.66
CA VAL D 163 28.31 -26.41 31.85
C VAL D 163 27.74 -25.73 33.08
N ALA D 164 26.42 -25.71 33.19
CA ALA D 164 25.77 -25.08 34.33
C ALA D 164 25.04 -26.15 35.11
N GLY D 165 24.28 -26.95 34.37
CA GLY D 165 23.51 -28.02 34.97
C GLY D 165 22.81 -28.74 33.86
N THR D 166 21.67 -29.37 34.15
CA THR D 166 20.93 -30.07 33.11
C THR D 166 19.46 -29.92 33.39
N VAL D 167 18.69 -30.02 32.32
CA VAL D 167 17.24 -29.87 32.42
C VAL D 167 16.64 -31.04 33.18
N SER D 168 16.12 -30.74 34.36
CA SER D 168 15.50 -31.76 35.18
C SER D 168 14.02 -31.78 34.89
N ASP D 169 13.51 -30.72 34.28
CA ASP D 169 12.08 -30.71 33.96
C ASP D 169 11.69 -29.63 32.96
N VAL D 170 10.38 -29.48 32.74
CA VAL D 170 9.84 -28.50 31.80
C VAL D 170 8.53 -27.94 32.33
N TRP D 171 8.47 -26.61 32.44
CA TRP D 171 7.27 -25.96 32.93
C TRP D 171 6.49 -25.46 31.72
N VAL D 172 5.17 -25.58 31.79
CA VAL D 172 4.34 -25.21 30.67
C VAL D 172 3.08 -24.47 31.04
N ASP D 173 2.51 -23.79 30.05
CA ASP D 173 1.28 -23.03 30.22
C ASP D 173 0.17 -24.02 29.93
N ARG D 174 -0.78 -24.16 30.83
CA ARG D 174 -1.88 -25.09 30.63
C ARG D 174 -3.04 -24.48 29.88
N SER D 175 -3.02 -23.16 29.75
CA SER D 175 -4.04 -22.44 29.03
C SER D 175 -3.63 -22.34 27.57
N GLU D 176 -2.38 -21.97 27.32
CA GLU D 176 -1.88 -21.87 25.95
C GLU D 176 -0.63 -22.75 25.88
N PRO D 177 -0.85 -24.07 25.74
CA PRO D 177 0.16 -25.13 25.66
C PRO D 177 1.49 -24.78 25.01
N GLN D 178 2.50 -24.51 25.85
CA GLN D 178 3.83 -24.19 25.36
C GLN D 178 4.82 -24.24 26.50
N ILE D 179 6.11 -24.30 26.16
CA ILE D 179 7.17 -24.31 27.16
C ILE D 179 7.46 -22.86 27.56
N ARG D 180 7.21 -22.51 28.82
CA ARG D 180 7.47 -21.17 29.33
C ARG D 180 8.85 -21.17 29.98
N TYR D 181 9.09 -22.22 30.76
CA TYR D 181 10.34 -22.38 31.47
C TYR D 181 10.92 -23.77 31.38
N LEU D 182 12.20 -23.83 31.68
CA LEU D 182 12.95 -25.06 31.73
C LEU D 182 13.36 -25.10 33.20
N GLU D 183 13.35 -26.30 33.79
CA GLU D 183 13.76 -26.44 35.18
C GLU D 183 15.26 -26.75 35.07
N VAL D 184 16.08 -26.22 35.97
CA VAL D 184 17.50 -26.48 35.84
C VAL D 184 18.15 -26.89 37.14
N GLU D 185 18.66 -28.12 37.16
CA GLU D 185 19.35 -28.64 38.34
C GLU D 185 20.75 -28.13 38.17
N VAL D 186 21.15 -27.24 39.07
CA VAL D 186 22.49 -26.68 38.98
C VAL D 186 23.45 -27.72 39.51
N ALA D 187 24.60 -27.83 38.86
CA ALA D 187 25.62 -28.78 39.28
C ALA D 187 26.21 -28.30 40.59
N ALA D 188 26.91 -27.18 40.50
CA ALA D 188 27.57 -26.57 41.65
C ALA D 188 26.82 -26.58 42.97
N ASN D 189 25.52 -26.86 42.97
CA ASN D 189 24.79 -26.88 44.23
C ASN D 189 23.55 -27.74 44.20
N LYS D 190 23.36 -28.47 43.10
CA LYS D 190 22.20 -29.33 42.95
C LYS D 190 20.88 -28.68 43.34
N LYS D 191 20.78 -27.37 43.17
CA LYS D 191 19.52 -26.67 43.45
C LYS D 191 18.77 -26.57 42.12
N LYS D 192 17.45 -26.54 42.20
CA LYS D 192 16.63 -26.44 41.00
C LYS D 192 16.25 -24.98 40.76
N VAL D 193 16.56 -24.47 39.58
CA VAL D 193 16.25 -23.09 39.24
C VAL D 193 15.51 -23.06 37.91
N LEU D 194 14.74 -22.00 37.69
CA LEU D 194 14.00 -21.84 36.44
C LEU D 194 14.81 -21.07 35.44
N LEU D 195 14.50 -21.28 34.17
CA LEU D 195 15.17 -20.59 33.09
C LEU D 195 14.07 -20.34 32.08
N PRO D 196 13.76 -19.08 31.79
CA PRO D 196 12.70 -18.77 30.83
C PRO D 196 13.11 -19.20 29.44
N ILE D 197 12.16 -19.64 28.64
CA ILE D 197 12.51 -20.07 27.30
C ILE D 197 13.13 -18.92 26.50
N GLY D 198 12.64 -17.70 26.74
CA GLY D 198 13.10 -16.53 26.01
C GLY D 198 14.57 -16.22 26.10
N PHE D 199 15.22 -16.81 27.11
CA PHE D 199 16.65 -16.61 27.33
C PHE D 199 17.43 -17.84 26.90
N SER D 200 16.72 -18.90 26.55
CA SER D 200 17.34 -20.15 26.14
C SER D 200 17.24 -20.45 24.65
N ARG D 201 18.40 -20.74 24.05
CA ARG D 201 18.55 -21.10 22.64
C ARG D 201 18.93 -22.58 22.68
N PHE D 202 18.43 -23.38 21.75
CA PHE D 202 18.75 -24.80 21.73
C PHE D 202 19.79 -25.08 20.67
N ASP D 203 20.54 -26.17 20.86
CA ASP D 203 21.55 -26.60 19.88
C ASP D 203 21.36 -28.11 19.82
N LYS D 204 20.18 -28.52 19.35
CA LYS D 204 19.77 -29.92 19.23
C LYS D 204 20.84 -30.87 18.74
N LYS D 205 21.51 -30.50 17.65
CA LYS D 205 22.55 -31.37 17.09
C LYS D 205 23.75 -31.56 18.01
N ALA D 206 23.51 -31.36 19.30
CA ALA D 206 24.54 -31.51 20.31
C ALA D 206 23.81 -31.62 21.63
N ARG D 207 22.51 -31.34 21.60
CA ARG D 207 21.68 -31.38 22.78
C ARG D 207 22.09 -30.40 23.88
N LYS D 208 22.34 -29.17 23.48
CA LYS D 208 22.71 -28.14 24.44
C LYS D 208 21.61 -27.07 24.48
N VAL D 209 21.64 -26.24 25.51
CA VAL D 209 20.68 -25.17 25.66
C VAL D 209 21.56 -24.00 26.00
N LYS D 210 22.11 -23.35 24.98
CA LYS D 210 22.99 -22.20 25.20
C LYS D 210 22.28 -21.10 26.01
N VAL D 211 23.05 -20.21 26.66
CA VAL D 211 22.46 -19.15 27.48
C VAL D 211 23.39 -17.95 27.52
N ASP D 212 23.07 -16.94 26.71
CA ASP D 212 23.85 -15.71 26.61
C ASP D 212 23.63 -14.83 27.82
N ALA D 213 22.47 -14.93 28.45
CA ALA D 213 22.14 -14.11 29.61
C ALA D 213 23.27 -14.04 30.62
N ILE D 214 23.44 -15.13 31.38
CA ILE D 214 24.46 -15.22 32.41
C ILE D 214 25.56 -16.26 32.16
N LYS D 215 26.60 -16.24 33.00
CA LYS D 215 27.73 -17.18 32.93
C LYS D 215 27.38 -18.38 33.78
N ALA D 216 28.06 -19.50 33.54
CA ALA D 216 27.80 -20.73 34.29
C ALA D 216 27.73 -20.51 35.79
N ALA D 217 28.71 -19.77 36.33
CA ALA D 217 28.72 -19.53 37.76
C ALA D 217 27.44 -18.84 38.27
N HIS D 218 26.96 -17.84 37.53
CA HIS D 218 25.77 -17.06 37.93
C HIS D 218 24.50 -17.87 38.19
N PHE D 219 24.40 -19.03 37.56
CA PHE D 219 23.22 -19.88 37.74
C PHE D 219 22.96 -20.23 39.19
N ALA D 220 23.98 -20.04 40.03
CA ALA D 220 23.90 -20.35 41.44
C ALA D 220 22.98 -19.43 42.23
N ASN D 221 22.87 -18.17 41.80
CA ASN D 221 22.05 -17.20 42.51
C ASN D 221 20.66 -16.87 41.94
N VAL D 222 20.20 -17.66 40.99
CA VAL D 222 18.89 -17.44 40.39
C VAL D 222 17.84 -17.58 41.47
N PRO D 223 16.93 -16.61 41.58
CA PRO D 223 15.87 -16.67 42.59
C PRO D 223 15.22 -18.04 42.59
N THR D 224 14.84 -18.55 43.76
CA THR D 224 14.28 -19.89 43.86
C THR D 224 12.78 -19.91 44.19
N LEU D 225 12.14 -21.04 43.93
CA LEU D 225 10.70 -21.20 44.15
C LEU D 225 10.29 -21.57 45.55
N SER D 226 9.33 -20.83 46.10
CA SER D 226 8.83 -21.10 47.43
C SER D 226 7.83 -22.26 47.37
N ASN D 227 8.01 -23.12 46.37
CA ASN D 227 7.18 -24.31 46.15
C ASN D 227 7.65 -24.89 44.82
N PRO D 228 8.12 -26.15 44.81
CA PRO D 228 8.60 -26.74 43.56
C PRO D 228 7.55 -27.17 42.56
N ASP D 229 6.29 -26.92 42.88
CA ASP D 229 5.20 -27.32 41.99
C ASP D 229 4.47 -26.16 41.35
N GLN D 230 5.06 -24.97 41.47
CA GLN D 230 4.43 -23.80 40.90
C GLN D 230 5.36 -22.61 41.05
N VAL D 231 4.98 -21.52 40.41
CA VAL D 231 5.72 -20.27 40.46
C VAL D 231 4.68 -19.16 40.54
N THR D 232 4.99 -18.10 41.27
CA THR D 232 4.04 -17.00 41.41
C THR D 232 4.39 -15.84 40.50
N LEU D 233 3.43 -14.96 40.27
CA LEU D 233 3.67 -13.80 39.43
C LEU D 233 4.90 -13.12 40.01
N TYR D 234 4.92 -13.03 41.35
CA TYR D 234 6.05 -12.42 42.05
C TYR D 234 7.33 -13.13 41.64
N GLU D 235 7.30 -14.45 41.67
CA GLU D 235 8.47 -15.26 41.35
C GLU D 235 8.91 -15.31 39.90
N GLU D 236 7.98 -15.07 38.98
CA GLU D 236 8.33 -15.11 37.55
C GLU D 236 9.23 -13.94 37.19
N ASP D 237 8.84 -12.76 37.64
CA ASP D 237 9.61 -11.57 37.35
C ASP D 237 11.01 -11.67 37.90
N LYS D 238 11.11 -11.98 39.20
CA LYS D 238 12.40 -12.10 39.87
C LYS D 238 13.34 -12.99 39.12
N VAL D 239 12.80 -14.04 38.50
CA VAL D 239 13.62 -14.95 37.72
C VAL D 239 14.08 -14.28 36.44
N CYS D 240 13.16 -13.91 35.56
CA CYS D 240 13.52 -13.28 34.28
C CYS D 240 14.46 -12.11 34.51
N ALA D 241 14.07 -11.25 35.45
CA ALA D 241 14.87 -10.08 35.77
C ALA D 241 16.30 -10.45 36.14
N TYR D 242 16.45 -11.57 36.85
CA TYR D 242 17.78 -12.00 37.24
C TYR D 242 18.57 -12.22 35.96
N TYR D 243 18.05 -13.09 35.09
CA TYR D 243 18.74 -13.38 33.85
C TYR D 243 18.98 -12.13 33.04
N ALA D 244 17.99 -11.27 32.96
CA ALA D 244 18.14 -10.06 32.19
C ALA D 244 19.30 -9.23 32.70
N GLY D 245 19.42 -9.09 34.02
CA GLY D 245 20.50 -8.32 34.57
C GLY D 245 21.84 -8.71 33.97
N GLY D 246 22.01 -10.01 33.79
CA GLY D 246 23.25 -10.52 33.24
C GLY D 246 23.56 -9.99 31.86
N LYS D 247 22.54 -9.48 31.19
CA LYS D 247 22.72 -8.94 29.85
C LYS D 247 23.64 -7.73 29.85
N LEU D 248 23.73 -7.05 30.99
CA LEU D 248 24.59 -5.88 31.07
C LEU D 248 25.60 -6.05 32.21
N TYR D 249 25.26 -6.89 33.18
CA TYR D 249 26.13 -7.11 34.34
C TYR D 249 26.87 -8.45 34.34
N ALA D 250 26.73 -9.24 33.29
CA ALA D 250 27.43 -10.53 33.33
C ALA D 250 28.87 -10.42 32.93
N THR D 251 29.28 -9.22 32.56
CA THR D 251 30.66 -9.01 32.15
C THR D 251 31.03 -7.55 32.30
N ALA D 252 32.33 -7.32 32.50
CA ALA D 252 32.84 -5.98 32.71
C ALA D 252 33.14 -5.25 31.42
N GLU D 253 32.59 -5.78 30.34
CA GLU D 253 32.79 -5.17 29.04
C GLU D 253 31.42 -5.06 28.41
N ARG D 254 30.54 -5.96 28.81
CA ARG D 254 29.17 -5.94 28.32
C ARG D 254 28.68 -4.60 28.83
N ALA D 255 28.72 -4.46 30.16
CA ALA D 255 28.28 -3.25 30.82
C ALA D 255 28.87 -1.99 30.22
N GLY D 256 29.95 -2.14 29.46
CA GLY D 256 30.56 -0.96 28.87
C GLY D 256 30.26 -0.80 27.40
N PRO D 257 30.83 0.24 26.76
CA PRO D 257 30.64 0.53 25.35
C PRO D 257 31.09 -0.54 24.39
N LEU D 258 31.27 -0.13 23.14
CA LEU D 258 31.71 -1.02 22.07
C LEU D 258 32.73 -0.24 21.24
N LEU D 259 32.54 1.08 21.21
CA LEU D 259 33.40 2.05 20.54
C LEU D 259 34.54 1.46 19.73
#